data_3M9U
#
_entry.id   3M9U
#
_cell.length_a   48.496
_cell.length_b   51.096
_cell.length_c   125.928
_cell.angle_alpha   95.47
_cell.angle_beta   91.28
_cell.angle_gamma   105.56
#
_symmetry.space_group_name_H-M   'P 1'
#
loop_
_entity.id
_entity.type
_entity.pdbx_description
1 polymer 'Farnesyl-diphosphate synthase'
2 non-polymer GLYCEROL
3 water water
#
_entity_poly.entity_id   1
_entity_poly.type   'polypeptide(L)'
_entity_poly.pdbx_seq_one_letter_code
;MSLINARLIAFEDQWVPALNAPLKQAILADSQDAQLAAAMTYSVLAGGKRLRPLLTVATMQSLGVTFVPERHWRPVMALE
LLHTYSLIHDDLPAMDNDALRRGEPTNHVKFGAGMATLAGDGLLTLAFQWLTATDLPATMQAALVQALATAAGPSGMVAG
QAKDIQSEHVNLPLSQLRVLHKEKTGALLHYAVQAGLILGQAPEAQWPAYLQFADAFGLAFQIYDDILDVVSSPAEMGKA
TQKDADEAKNTYPGKLGLIGANQALIDTIHSGQAALQGLPTSTQRDDLAAFFSYFDTERVNEGHHHHHH
;
_entity_poly.pdbx_strand_id   A,B,C,D
#
# COMPACT_ATOMS: atom_id res chain seq x y z
N SER A 2 -33.64 25.39 -2.47
CA SER A 2 -33.33 25.62 -1.04
C SER A 2 -31.94 26.25 -0.84
N LEU A 3 -31.76 26.88 0.32
CA LEU A 3 -30.52 27.58 0.65
C LEU A 3 -29.69 26.71 1.57
N ILE A 4 -28.37 26.86 1.53
CA ILE A 4 -27.50 26.17 2.48
C ILE A 4 -27.67 26.89 3.84
N ASN A 5 -27.75 26.12 4.92
CA ASN A 5 -27.87 26.74 6.24
C ASN A 5 -26.56 27.38 6.68
N ALA A 6 -26.62 28.61 7.21
CA ALA A 6 -25.43 29.30 7.74
C ALA A 6 -24.67 28.47 8.78
N ARG A 7 -25.41 27.70 9.60
CA ARG A 7 -24.82 26.71 10.51
C ARG A 7 -23.89 25.74 9.80
N LEU A 8 -24.30 25.26 8.63
CA LEU A 8 -23.52 24.22 7.96
C LEU A 8 -22.24 24.84 7.39
N ILE A 9 -22.39 26.03 6.82
CA ILE A 9 -21.21 26.79 6.36
C ILE A 9 -20.19 26.99 7.47
N ALA A 10 -20.66 27.41 8.65
CA ALA A 10 -19.81 27.66 9.79
C ALA A 10 -19.11 26.37 10.25
N PHE A 11 -19.89 25.28 10.31
CA PHE A 11 -19.35 23.96 10.67
C PHE A 11 -18.24 23.47 9.71
N GLU A 12 -18.52 23.55 8.42
CA GLU A 12 -17.61 23.08 7.41
C GLU A 12 -16.33 23.94 7.41
N ASP A 13 -16.49 25.25 7.61
CA ASP A 13 -15.31 26.15 7.66
C ASP A 13 -14.38 25.86 8.84
N GLN A 14 -14.95 25.49 9.99
CA GLN A 14 -14.15 25.07 11.14
C GLN A 14 -13.44 23.72 10.87
N TRP A 15 -14.20 22.78 10.33
CA TRP A 15 -13.77 21.38 10.43
C TRP A 15 -13.06 20.83 9.22
N VAL A 16 -13.47 21.24 8.02
CA VAL A 16 -12.81 20.73 6.81
C VAL A 16 -11.29 20.99 6.83
N PRO A 17 -10.85 22.24 7.10
CA PRO A 17 -9.40 22.38 7.08
C PRO A 17 -8.69 21.68 8.26
N ALA A 18 -9.35 21.60 9.42
CA ALA A 18 -8.80 20.88 10.56
C ALA A 18 -8.63 19.38 10.29
N LEU A 19 -9.62 18.80 9.61
CA LEU A 19 -9.58 17.40 9.23
C LEU A 19 -8.53 17.17 8.16
N ASN A 20 -8.38 18.13 7.23
CA ASN A 20 -7.44 17.96 6.11
C ASN A 20 -5.97 18.11 6.49
N ALA A 21 -5.71 19.03 7.42
CA ALA A 21 -4.34 19.47 7.75
C ALA A 21 -3.31 18.36 8.00
N PRO A 22 -3.65 17.33 8.80
CA PRO A 22 -2.63 16.33 9.10
C PRO A 22 -2.47 15.19 8.07
N LEU A 23 -3.31 15.17 7.04
CA LEU A 23 -3.41 14.01 6.12
C LEU A 23 -2.10 13.59 5.45
N LYS A 24 -1.43 14.53 4.81
CA LYS A 24 -0.23 14.18 4.03
C LYS A 24 0.86 13.61 4.91
N GLN A 25 1.12 14.24 6.05
CA GLN A 25 2.18 13.80 6.95
C GLN A 25 1.87 12.44 7.56
N ALA A 26 0.58 12.22 7.87
CA ALA A 26 0.19 10.95 8.49
C ALA A 26 0.32 9.76 7.54
N ILE A 27 -0.11 9.95 6.30
CA ILE A 27 -0.02 8.90 5.31
C ILE A 27 1.46 8.58 5.03
N LEU A 28 2.30 9.61 4.90
CA LEU A 28 3.75 9.42 4.71
C LEU A 28 4.41 8.69 5.88
N ALA A 29 4.09 9.10 7.11
CA ALA A 29 4.60 8.45 8.31
C ALA A 29 4.30 6.96 8.38
N ASP A 30 3.13 6.59 7.86
CA ASP A 30 2.61 5.21 7.96
C ASP A 30 2.89 4.36 6.74
N SER A 31 3.73 4.85 5.84
CA SER A 31 4.10 4.12 4.63
CA SER A 31 4.11 4.14 4.61
C SER A 31 5.60 3.84 4.59
N GLN A 32 5.98 2.78 3.88
CA GLN A 32 7.40 2.42 3.72
C GLN A 32 7.75 2.23 2.25
N ASP A 33 6.99 2.88 1.37
CA ASP A 33 7.33 2.96 -0.05
C ASP A 33 6.90 4.30 -0.62
N ALA A 34 7.85 5.01 -1.24
CA ALA A 34 7.64 6.39 -1.64
C ALA A 34 6.55 6.56 -2.70
N GLN A 35 6.57 5.73 -3.74
CA GLN A 35 5.58 5.84 -4.79
C GLN A 35 4.18 5.43 -4.31
N LEU A 36 4.10 4.37 -3.52
CA LEU A 36 2.85 3.97 -2.91
C LEU A 36 2.27 5.13 -2.10
N ALA A 37 3.09 5.72 -1.23
CA ALA A 37 2.69 6.90 -0.44
C ALA A 37 2.22 8.05 -1.34
N ALA A 38 2.96 8.31 -2.41
CA ALA A 38 2.56 9.35 -3.39
C ALA A 38 1.21 9.03 -4.06
N ALA A 39 0.96 7.75 -4.42
CA ALA A 39 -0.29 7.32 -5.03
C ALA A 39 -1.48 7.48 -4.09
N MET A 40 -1.30 7.04 -2.84
CA MET A 40 -2.38 7.14 -1.84
C MET A 40 -2.70 8.60 -1.55
N THR A 41 -1.66 9.43 -1.38
CA THR A 41 -1.88 10.81 -0.96
C THR A 41 -2.51 11.64 -2.08
N TYR A 42 -2.09 11.38 -3.32
CA TYR A 42 -2.69 12.04 -4.49
C TYR A 42 -4.22 11.88 -4.46
N SER A 43 -4.69 10.64 -4.28
CA SER A 43 -6.12 10.34 -4.30
C SER A 43 -6.88 10.92 -3.10
N VAL A 44 -6.27 10.85 -1.94
CA VAL A 44 -6.89 11.41 -0.72
C VAL A 44 -7.00 12.94 -0.84
N LEU A 45 -5.94 13.59 -1.33
CA LEU A 45 -5.93 15.06 -1.40
C LEU A 45 -6.52 15.61 -2.69
N ALA A 46 -7.38 14.84 -3.35
CA ALA A 46 -8.00 15.24 -4.62
C ALA A 46 -9.18 16.24 -4.48
N GLY A 47 -9.32 16.86 -3.30
CA GLY A 47 -10.28 17.93 -3.10
C GLY A 47 -11.68 17.53 -2.64
N GLY A 48 -11.82 16.33 -2.09
CA GLY A 48 -13.13 15.83 -1.64
C GLY A 48 -13.82 16.68 -0.59
N LYS A 49 -15.15 16.60 -0.51
CA LYS A 49 -15.93 17.41 0.43
C LYS A 49 -15.82 16.96 1.91
N ARG A 50 -15.29 15.75 2.14
CA ARG A 50 -15.09 15.16 3.50
C ARG A 50 -16.42 14.98 4.25
N LEU A 51 -17.47 14.74 3.49
CA LEU A 51 -18.80 14.68 4.07
C LEU A 51 -18.88 13.63 5.18
N ARG A 52 -18.23 12.48 4.95
CA ARG A 52 -18.35 11.35 5.90
C ARG A 52 -17.69 11.63 7.24
N PRO A 53 -16.39 12.05 7.26
CA PRO A 53 -15.82 12.40 8.57
C PRO A 53 -16.45 13.66 9.19
N LEU A 54 -16.95 14.59 8.37
CA LEU A 54 -17.71 15.72 8.93
C LEU A 54 -18.93 15.23 9.71
N LEU A 55 -19.61 14.26 9.15
CA LEU A 55 -20.78 13.71 9.85
C LEU A 55 -20.43 13.08 11.18
N THR A 56 -19.32 12.37 11.21
CA THR A 56 -18.84 11.75 12.46
C THR A 56 -18.59 12.80 13.52
N VAL A 57 -17.89 13.86 13.13
CA VAL A 57 -17.58 14.95 14.09
C VAL A 57 -18.86 15.65 14.54
N ALA A 58 -19.79 15.88 13.61
CA ALA A 58 -21.06 16.55 13.95
C ALA A 58 -21.85 15.71 14.92
N THR A 59 -21.81 14.40 14.69
CA THR A 59 -22.45 13.44 15.61
C THR A 59 -21.82 13.52 17.00
N MET A 60 -20.49 13.48 17.05
CA MET A 60 -19.76 13.62 18.32
C MET A 60 -20.13 14.90 19.05
N GLN A 61 -20.10 16.04 18.37
CA GLN A 61 -20.43 17.28 19.05
CA GLN A 61 -20.45 17.33 19.00
C GLN A 61 -21.87 17.30 19.53
N SER A 62 -22.75 16.61 18.80
CA SER A 62 -24.19 16.54 19.15
C SER A 62 -24.42 15.68 20.39
N LEU A 63 -23.36 14.99 20.84
CA LEU A 63 -23.44 14.18 22.05
C LEU A 63 -22.67 14.84 23.19
N GLY A 64 -22.22 16.08 22.96
CA GLY A 64 -21.50 16.82 23.97
C GLY A 64 -20.06 16.37 24.16
N VAL A 65 -19.50 15.69 23.17
CA VAL A 65 -18.16 15.15 23.31
C VAL A 65 -17.21 15.99 22.46
N THR A 66 -16.13 16.45 23.07
CA THR A 66 -15.12 17.26 22.36
C THR A 66 -14.15 16.39 21.53
N PHE A 67 -13.98 16.75 20.26
CA PHE A 67 -12.97 16.13 19.40
C PHE A 67 -11.57 16.56 19.88
N VAL A 68 -10.75 15.56 20.18
CA VAL A 68 -9.33 15.79 20.51
C VAL A 68 -8.49 15.17 19.39
N PRO A 69 -7.70 15.99 18.66
CA PRO A 69 -6.98 15.45 17.50
C PRO A 69 -6.16 14.19 17.79
N GLU A 70 -5.41 14.17 18.88
CA GLU A 70 -4.50 13.06 19.17
C GLU A 70 -5.24 11.77 19.51
N ARG A 71 -6.51 11.90 19.86
CA ARG A 71 -7.32 10.71 20.20
C ARG A 71 -8.25 10.33 19.07
N HIS A 72 -8.76 11.33 18.35
CA HIS A 72 -9.86 11.15 17.43
C HIS A 72 -9.57 11.34 15.96
N TRP A 73 -8.49 12.01 15.61
CA TRP A 73 -8.29 12.34 14.21
C TRP A 73 -8.09 11.09 13.35
N ARG A 74 -7.16 10.21 13.74
CA ARG A 74 -6.91 8.98 12.98
C ARG A 74 -8.19 8.14 12.89
N PRO A 75 -8.85 7.91 14.03
CA PRO A 75 -10.05 7.09 13.89
C PRO A 75 -11.16 7.73 13.03
N VAL A 76 -11.33 9.04 13.14
CA VAL A 76 -12.35 9.72 12.32
C VAL A 76 -12.00 9.67 10.82
N MET A 77 -10.73 9.95 10.50
CA MET A 77 -10.29 9.96 9.12
C MET A 77 -10.06 8.61 8.47
N ALA A 78 -10.07 7.53 9.25
CA ALA A 78 -10.02 6.19 8.66
C ALA A 78 -11.13 6.03 7.66
N LEU A 79 -12.31 6.56 8.01
CA LEU A 79 -13.45 6.49 7.11
C LEU A 79 -13.18 7.19 5.77
N GLU A 80 -12.47 8.32 5.82
CA GLU A 80 -12.14 9.04 4.59
C GLU A 80 -11.12 8.26 3.73
N LEU A 81 -10.17 7.60 4.39
CA LEU A 81 -9.26 6.69 3.68
C LEU A 81 -10.04 5.63 2.95
N LEU A 82 -11.01 5.03 3.65
CA LEU A 82 -11.77 3.97 3.06
C LEU A 82 -12.60 4.49 1.89
N HIS A 83 -13.28 5.61 2.10
CA HIS A 83 -14.02 6.23 1.01
C HIS A 83 -13.11 6.48 -0.23
N THR A 84 -11.90 6.97 -0.01
CA THR A 84 -10.94 7.21 -1.09
C THR A 84 -10.60 5.93 -1.84
N TYR A 85 -10.27 4.86 -1.11
CA TYR A 85 -9.98 3.56 -1.72
C TYR A 85 -11.11 3.15 -2.65
N SER A 86 -12.34 3.41 -2.25
CA SER A 86 -13.48 2.97 -3.02
C SER A 86 -13.58 3.72 -4.33
N LEU A 87 -13.22 5.00 -4.33
CA LEU A 87 -13.13 5.79 -5.57
C LEU A 87 -12.02 5.30 -6.51
N ILE A 88 -10.82 5.08 -5.96
CA ILE A 88 -9.70 4.55 -6.76
C ILE A 88 -10.06 3.25 -7.45
N HIS A 89 -10.56 2.27 -6.67
CA HIS A 89 -10.93 0.97 -7.20
C HIS A 89 -12.11 1.04 -8.17
N ASP A 90 -13.06 1.93 -7.89
CA ASP A 90 -14.18 2.22 -8.82
C ASP A 90 -13.71 2.65 -10.22
N ASP A 91 -12.65 3.44 -10.28
CA ASP A 91 -12.17 4.02 -11.55
C ASP A 91 -11.28 3.10 -12.37
N LEU A 92 -10.82 2.00 -11.77
CA LEU A 92 -9.98 1.01 -12.43
C LEU A 92 -10.52 0.49 -13.79
N PRO A 93 -9.61 0.17 -14.74
CA PRO A 93 -9.93 -0.47 -16.02
C PRO A 93 -10.81 -1.73 -15.90
N ALA A 94 -10.51 -2.57 -14.89
CA ALA A 94 -11.30 -3.77 -14.61
C ALA A 94 -12.73 -3.45 -14.22
N MET A 95 -12.93 -2.22 -13.72
CA MET A 95 -14.17 -1.78 -13.10
C MET A 95 -14.94 -0.87 -14.08
N ASP A 96 -15.05 0.43 -13.72
CA ASP A 96 -15.74 1.44 -14.54
C ASP A 96 -14.88 2.00 -15.69
N ASN A 97 -13.56 1.81 -15.60
CA ASN A 97 -12.56 2.33 -16.56
C ASN A 97 -12.60 3.85 -16.77
N ASP A 98 -12.84 4.59 -15.69
CA ASP A 98 -12.89 6.04 -15.73
C ASP A 98 -11.49 6.64 -15.83
N ALA A 99 -11.29 7.50 -16.81
CA ALA A 99 -10.01 8.21 -16.98
C ALA A 99 -10.01 9.58 -16.29
N LEU A 100 -11.22 10.10 -16.01
CA LEU A 100 -11.37 11.40 -15.36
C LEU A 100 -12.23 11.33 -14.09
N ARG A 101 -11.83 12.10 -13.08
CA ARG A 101 -12.68 12.42 -11.91
C ARG A 101 -12.33 13.83 -11.43
N ARG A 102 -13.36 14.69 -11.41
CA ARG A 102 -13.24 16.16 -11.30
C ARG A 102 -12.38 16.78 -12.42
N GLY A 103 -12.60 16.28 -13.64
CA GLY A 103 -11.96 16.79 -14.85
C GLY A 103 -10.44 16.64 -14.96
N GLU A 104 -9.87 15.77 -14.12
CA GLU A 104 -8.42 15.61 -14.02
C GLU A 104 -8.04 14.13 -13.74
N PRO A 105 -6.76 13.73 -13.99
CA PRO A 105 -6.34 12.31 -13.96
C PRO A 105 -6.81 11.45 -12.78
N THR A 106 -7.40 10.29 -13.11
CA THR A 106 -7.68 9.25 -12.11
C THR A 106 -6.38 8.56 -11.67
N ASN A 107 -6.45 7.72 -10.62
CA ASN A 107 -5.22 7.12 -10.09
C ASN A 107 -4.48 6.21 -11.08
N HIS A 108 -5.24 5.34 -11.76
CA HIS A 108 -4.67 4.39 -12.72
C HIS A 108 -4.04 5.04 -13.97
N VAL A 109 -4.70 6.09 -14.49
CA VAL A 109 -4.14 6.87 -15.58
C VAL A 109 -2.77 7.43 -15.15
N LYS A 110 -2.71 7.95 -13.93
CA LYS A 110 -1.51 8.53 -13.35
C LYS A 110 -0.43 7.48 -13.00
N PHE A 111 -0.77 6.54 -12.11
CA PHE A 111 0.23 5.63 -11.58
C PHE A 111 0.28 4.26 -12.25
N GLY A 112 -0.74 3.97 -13.05
CA GLY A 112 -0.87 2.64 -13.63
C GLY A 112 -1.90 1.89 -12.81
N ALA A 113 -2.55 0.92 -13.47
CA ALA A 113 -3.64 0.17 -12.87
C ALA A 113 -3.17 -0.70 -11.71
N GLY A 114 -1.93 -1.17 -11.81
CA GLY A 114 -1.31 -1.98 -10.75
C GLY A 114 -1.15 -1.15 -9.50
N MET A 115 -0.47 -0.01 -9.63
CA MET A 115 -0.19 0.84 -8.48
C MET A 115 -1.46 1.48 -7.92
N ALA A 116 -2.42 1.77 -8.80
CA ALA A 116 -3.74 2.27 -8.34
C ALA A 116 -4.46 1.22 -7.50
N THR A 117 -4.45 -0.03 -7.96
CA THR A 117 -5.06 -1.14 -7.20
C THR A 117 -4.39 -1.23 -5.82
N LEU A 118 -3.06 -1.17 -5.80
CA LEU A 118 -2.35 -1.25 -4.54
C LEU A 118 -2.59 -0.05 -3.65
N ALA A 119 -2.68 1.15 -4.23
CA ALA A 119 -3.00 2.33 -3.41
C ALA A 119 -4.36 2.17 -2.70
N GLY A 120 -5.34 1.61 -3.41
CA GLY A 120 -6.65 1.26 -2.81
C GLY A 120 -6.51 0.25 -1.67
N ASP A 121 -5.75 -0.81 -1.92
CA ASP A 121 -5.51 -1.84 -0.88
C ASP A 121 -4.80 -1.23 0.33
N GLY A 122 -3.84 -0.35 0.06
CA GLY A 122 -3.10 0.32 1.10
C GLY A 122 -4.02 1.15 1.98
N LEU A 123 -4.91 1.90 1.35
CA LEU A 123 -5.79 2.82 2.08
C LEU A 123 -6.83 2.03 2.90
N LEU A 124 -7.35 0.96 2.31
CA LEU A 124 -8.27 0.09 3.02
C LEU A 124 -7.63 -0.47 4.31
N THR A 125 -6.43 -1.01 4.18
CA THR A 125 -5.74 -1.60 5.33
C THR A 125 -5.38 -0.51 6.33
N LEU A 126 -4.91 0.64 5.84
CA LEU A 126 -4.49 1.74 6.71
C LEU A 126 -5.63 2.26 7.57
N ALA A 127 -6.86 2.22 7.01
CA ALA A 127 -8.04 2.64 7.74
C ALA A 127 -8.16 1.84 9.05
N PHE A 128 -7.94 0.52 8.99
CA PHE A 128 -7.99 -0.29 10.20
C PHE A 128 -6.84 -0.05 11.16
N GLN A 129 -5.66 0.30 10.63
CA GLN A 129 -4.58 0.73 11.49
C GLN A 129 -4.95 2.01 12.23
N TRP A 130 -5.58 2.96 11.52
CA TRP A 130 -5.92 4.25 12.12
C TRP A 130 -7.01 4.16 13.17
N LEU A 131 -7.96 3.23 12.98
CA LEU A 131 -9.02 3.05 14.00
C LEU A 131 -8.42 2.61 15.33
N THR A 132 -7.29 1.89 15.27
CA THR A 132 -6.69 1.28 16.47
C THR A 132 -5.36 1.92 16.85
N ALA A 133 -5.10 3.12 16.34
CA ALA A 133 -3.81 3.74 16.51
C ALA A 133 -3.72 4.73 17.65
N THR A 134 -4.81 4.99 18.37
CA THR A 134 -4.76 6.03 19.40
C THR A 134 -5.19 5.53 20.76
N ASP A 135 -5.17 6.38 21.78
CA ASP A 135 -5.40 5.91 23.16
C ASP A 135 -6.90 5.92 23.45
N LEU A 136 -7.68 5.08 22.76
CA LEU A 136 -9.12 4.99 23.04
C LEU A 136 -9.29 3.68 23.76
N PRO A 137 -10.36 3.55 24.58
CA PRO A 137 -10.65 2.23 25.17
C PRO A 137 -10.72 1.12 24.11
N ALA A 138 -10.21 -0.06 24.44
CA ALA A 138 -10.15 -1.13 23.45
C ALA A 138 -11.56 -1.58 23.05
N THR A 139 -12.52 -1.49 23.97
CA THR A 139 -13.93 -1.79 23.64
C THR A 139 -14.47 -0.88 22.53
N MET A 140 -14.08 0.39 22.59
CA MET A 140 -14.46 1.38 21.61
C MET A 140 -13.74 1.07 20.30
N GLN A 141 -12.45 0.77 20.36
CA GLN A 141 -11.70 0.45 19.14
C GLN A 141 -12.30 -0.75 18.44
N ALA A 142 -12.62 -1.80 19.20
CA ALA A 142 -13.12 -3.05 18.61
C ALA A 142 -14.47 -2.85 17.97
N ALA A 143 -15.33 -2.06 18.62
CA ALA A 143 -16.66 -1.73 18.06
C ALA A 143 -16.56 -0.92 16.76
N LEU A 144 -15.61 0.01 16.68
CA LEU A 144 -15.41 0.78 15.44
C LEU A 144 -14.98 -0.14 14.30
N VAL A 145 -14.04 -1.06 14.59
CA VAL A 145 -13.54 -1.98 13.57
C VAL A 145 -14.65 -2.87 13.10
N GLN A 146 -15.41 -3.44 14.03
CA GLN A 146 -16.52 -4.28 13.61
C GLN A 146 -17.54 -3.50 12.74
N ALA A 147 -17.87 -2.28 13.16
CA ALA A 147 -18.85 -1.47 12.41
C ALA A 147 -18.32 -1.09 11.04
N LEU A 148 -17.05 -0.65 10.97
CA LEU A 148 -16.47 -0.26 9.69
C LEU A 148 -16.36 -1.45 8.73
N ALA A 149 -15.81 -2.56 9.19
CA ALA A 149 -15.64 -3.72 8.33
C ALA A 149 -17.02 -4.22 7.85
N THR A 150 -18.03 -4.22 8.73
CA THR A 150 -19.39 -4.60 8.32
C THR A 150 -19.98 -3.64 7.26
N ALA A 151 -19.78 -2.33 7.45
CA ALA A 151 -20.23 -1.33 6.51
C ALA A 151 -19.50 -1.42 5.16
N ALA A 152 -18.20 -1.74 5.21
CA ALA A 152 -17.34 -1.64 4.03
C ALA A 152 -17.26 -2.94 3.23
N GLY A 153 -17.63 -4.06 3.85
CA GLY A 153 -17.23 -5.34 3.31
C GLY A 153 -18.22 -6.01 2.38
N PRO A 154 -18.24 -7.36 2.38
CA PRO A 154 -19.02 -8.05 1.33
C PRO A 154 -20.53 -8.13 1.61
N SER A 155 -20.98 -7.51 2.70
CA SER A 155 -22.41 -7.26 2.92
C SER A 155 -22.78 -5.78 2.82
N GLY A 156 -21.77 -4.95 2.63
CA GLY A 156 -21.94 -3.52 2.52
C GLY A 156 -21.32 -3.01 1.24
N MET A 157 -20.40 -2.05 1.35
CA MET A 157 -19.89 -1.34 0.17
C MET A 157 -19.43 -2.25 -0.97
N VAL A 158 -18.62 -3.26 -0.66
CA VAL A 158 -18.14 -4.20 -1.70
C VAL A 158 -19.27 -5.00 -2.38
N ALA A 159 -20.30 -5.38 -1.60
CA ALA A 159 -21.49 -6.03 -2.15
C ALA A 159 -22.21 -5.09 -3.12
N GLY A 160 -22.26 -3.80 -2.78
CA GLY A 160 -22.82 -2.76 -3.64
C GLY A 160 -22.02 -2.52 -4.90
N GLN A 161 -20.70 -2.43 -4.77
CA GLN A 161 -19.85 -2.35 -5.96
C GLN A 161 -20.03 -3.57 -6.89
N ALA A 162 -20.14 -4.77 -6.30
CA ALA A 162 -20.34 -6.02 -7.07
C ALA A 162 -21.64 -5.99 -7.85
N LYS A 163 -22.73 -5.64 -7.15
CA LYS A 163 -24.03 -5.45 -7.80
C LYS A 163 -23.96 -4.40 -8.92
N ASP A 164 -23.16 -3.35 -8.72
CA ASP A 164 -22.99 -2.28 -9.71
C ASP A 164 -22.34 -2.77 -10.99
N ILE A 165 -21.17 -3.41 -10.90
CA ILE A 165 -20.51 -3.91 -12.12
C ILE A 165 -21.36 -5.00 -12.81
N GLN A 166 -22.14 -5.74 -12.02
CA GLN A 166 -23.13 -6.69 -12.55
C GLN A 166 -24.33 -6.04 -13.25
N SER A 167 -24.54 -4.75 -12.99
CA SER A 167 -25.71 -4.03 -13.49
C SER A 167 -25.37 -3.12 -14.66
N GLU A 168 -24.14 -3.22 -15.15
CA GLU A 168 -23.58 -2.32 -16.16
C GLU A 168 -24.49 -2.05 -17.38
N HIS A 169 -25.06 -3.10 -17.96
CA HIS A 169 -25.97 -2.92 -19.08
C HIS A 169 -27.36 -3.47 -18.78
N VAL A 170 -27.76 -3.40 -17.50
CA VAL A 170 -29.07 -3.89 -17.09
C VAL A 170 -29.91 -2.73 -16.53
N ASN A 171 -31.11 -2.56 -17.08
CA ASN A 171 -32.07 -1.60 -16.54
C ASN A 171 -32.71 -2.17 -15.28
N LEU A 172 -32.17 -1.77 -14.12
CA LEU A 172 -32.66 -2.28 -12.84
C LEU A 172 -33.99 -1.67 -12.46
N PRO A 173 -34.86 -2.48 -11.87
CA PRO A 173 -36.04 -1.92 -11.23
C PRO A 173 -35.65 -1.11 -10.01
N LEU A 174 -36.45 -0.11 -9.66
CA LEU A 174 -36.15 0.74 -8.50
C LEU A 174 -35.96 -0.06 -7.20
N SER A 175 -36.79 -1.09 -6.99
CA SER A 175 -36.68 -1.97 -5.80
C SER A 175 -35.27 -2.57 -5.63
N GLN A 176 -34.64 -2.93 -6.75
CA GLN A 176 -33.29 -3.46 -6.75
C GLN A 176 -32.25 -2.35 -6.70
N LEU A 177 -32.53 -1.24 -7.37
CA LEU A 177 -31.67 -0.07 -7.25
C LEU A 177 -31.52 0.39 -5.79
N ARG A 178 -32.62 0.36 -5.02
CA ARG A 178 -32.58 0.73 -3.60
C ARG A 178 -31.57 -0.10 -2.80
N VAL A 179 -31.60 -1.42 -3.02
CA VAL A 179 -30.65 -2.36 -2.40
C VAL A 179 -29.20 -2.05 -2.79
N LEU A 180 -28.96 -1.82 -4.07
CA LEU A 180 -27.62 -1.49 -4.54
C LEU A 180 -27.12 -0.22 -3.85
N HIS A 181 -27.98 0.79 -3.80
CA HIS A 181 -27.67 2.06 -3.13
C HIS A 181 -27.37 1.90 -1.66
N LYS A 182 -28.21 1.15 -0.96
CA LYS A 182 -28.05 1.00 0.47
C LYS A 182 -26.68 0.40 0.79
N GLU A 183 -26.23 -0.51 -0.06
CA GLU A 183 -24.92 -1.13 0.07
C GLU A 183 -23.78 -0.23 -0.38
N LYS A 184 -23.87 0.28 -1.61
CA LYS A 184 -22.76 1.01 -2.23
CA LYS A 184 -22.76 1.01 -2.22
C LYS A 184 -22.44 2.36 -1.57
N THR A 185 -23.48 3.12 -1.19
CA THR A 185 -23.26 4.45 -0.58
C THR A 185 -23.95 4.64 0.77
N GLY A 186 -25.04 3.91 0.99
CA GLY A 186 -25.76 4.00 2.27
C GLY A 186 -24.94 3.50 3.46
N ALA A 187 -24.24 2.40 3.28
CA ALA A 187 -23.54 1.77 4.41
C ALA A 187 -22.46 2.64 5.03
N LEU A 188 -21.63 3.31 4.21
CA LEU A 188 -20.62 4.18 4.80
C LEU A 188 -21.20 5.43 5.46
N LEU A 189 -22.27 5.97 4.91
CA LEU A 189 -22.92 7.11 5.54
C LEU A 189 -23.65 6.72 6.85
N HIS A 190 -24.22 5.51 6.92
CA HIS A 190 -24.73 4.95 8.19
C HIS A 190 -23.59 4.84 9.22
N TYR A 191 -22.47 4.28 8.77
CA TYR A 191 -21.32 4.10 9.63
C TYR A 191 -20.79 5.46 10.09
N ALA A 192 -20.79 6.46 9.20
CA ALA A 192 -20.30 7.79 9.59
C ALA A 192 -20.93 8.31 10.88
N VAL A 193 -22.26 8.14 11.00
CA VAL A 193 -22.96 8.54 12.22
C VAL A 193 -22.73 7.54 13.35
N GLN A 194 -22.86 6.26 13.04
CA GLN A 194 -22.56 5.19 14.03
C GLN A 194 -21.18 5.33 14.71
N ALA A 195 -20.13 5.69 13.96
CA ALA A 195 -18.82 5.96 14.55
C ALA A 195 -18.87 7.09 15.55
N GLY A 196 -19.67 8.12 15.29
CA GLY A 196 -19.86 9.21 16.23
C GLY A 196 -20.60 8.74 17.47
N LEU A 197 -21.54 7.83 17.30
CA LEU A 197 -22.22 7.25 18.47
C LEU A 197 -21.27 6.43 19.34
N ILE A 198 -20.35 5.72 18.70
CA ILE A 198 -19.38 4.91 19.43
C ILE A 198 -18.36 5.81 20.15
N LEU A 199 -17.77 6.75 19.39
CA LEU A 199 -16.79 7.63 19.98
C LEU A 199 -17.36 8.56 21.05
N GLY A 200 -18.64 8.93 20.89
CA GLY A 200 -19.31 9.83 21.81
C GLY A 200 -20.05 9.09 22.91
N GLN A 201 -19.96 7.76 22.88
CA GLN A 201 -20.61 6.89 23.88
C GLN A 201 -22.08 7.26 24.04
N ALA A 202 -22.78 7.34 22.90
CA ALA A 202 -24.19 7.71 22.92
C ALA A 202 -24.98 6.63 23.71
N PRO A 203 -25.86 7.08 24.59
CA PRO A 203 -26.71 6.14 25.34
C PRO A 203 -27.56 5.33 24.33
N GLU A 204 -27.80 4.06 24.66
CA GLU A 204 -28.47 3.14 23.74
C GLU A 204 -29.83 3.64 23.22
N ALA A 205 -30.58 4.32 24.09
CA ALA A 205 -31.90 4.84 23.73
C ALA A 205 -31.88 5.90 22.61
N GLN A 206 -30.70 6.50 22.38
CA GLN A 206 -30.57 7.47 21.30
C GLN A 206 -30.19 6.86 19.96
N TRP A 207 -29.71 5.61 19.95
CA TRP A 207 -29.26 4.99 18.67
C TRP A 207 -30.32 4.94 17.55
N PRO A 208 -31.58 4.58 17.89
CA PRO A 208 -32.52 4.53 16.77
C PRO A 208 -32.72 5.87 16.04
N ALA A 209 -32.85 6.98 16.77
CA ALA A 209 -33.13 8.27 16.13
C ALA A 209 -31.92 8.66 15.31
N TYR A 210 -30.74 8.52 15.88
CA TYR A 210 -29.53 8.88 15.13
C TYR A 210 -29.33 8.02 13.87
N LEU A 211 -29.62 6.71 13.97
CA LEU A 211 -29.41 5.85 12.82
C LEU A 211 -30.52 5.95 11.77
N GLN A 212 -31.75 6.29 12.18
CA GLN A 212 -32.79 6.65 11.21
C GLN A 212 -32.41 7.92 10.44
N PHE A 213 -31.86 8.89 11.17
CA PHE A 213 -31.34 10.10 10.54
C PHE A 213 -30.23 9.71 9.54
N ALA A 214 -29.32 8.86 9.97
CA ALA A 214 -28.17 8.46 9.14
C ALA A 214 -28.63 7.77 7.86
N ASP A 215 -29.62 6.89 7.96
CA ASP A 215 -30.12 6.20 6.79
C ASP A 215 -30.82 7.13 5.81
N ALA A 216 -31.59 8.10 6.33
CA ALA A 216 -32.26 9.06 5.48
C ALA A 216 -31.22 9.95 4.82
N PHE A 217 -30.18 10.30 5.58
CA PHE A 217 -29.11 11.13 5.02
C PHE A 217 -28.39 10.41 3.90
N GLY A 218 -28.04 9.14 4.11
CA GLY A 218 -27.41 8.33 3.07
C GLY A 218 -28.29 8.23 1.82
N LEU A 219 -29.60 8.02 2.01
CA LEU A 219 -30.52 7.98 0.91
C LEU A 219 -30.62 9.33 0.15
N ALA A 220 -30.77 10.44 0.87
CA ALA A 220 -30.87 11.77 0.27
C ALA A 220 -29.60 12.07 -0.50
N PHE A 221 -28.45 11.70 0.07
CA PHE A 221 -27.16 11.87 -0.61
C PHE A 221 -27.18 11.21 -2.00
N GLN A 222 -27.66 9.96 -2.05
CA GLN A 222 -27.66 9.23 -3.30
C GLN A 222 -28.69 9.83 -4.29
N ILE A 223 -29.89 10.17 -3.81
CA ILE A 223 -30.90 10.74 -4.72
C ILE A 223 -30.32 12.04 -5.33
N TYR A 224 -29.70 12.87 -4.49
CA TYR A 224 -29.16 14.16 -4.95
C TYR A 224 -28.03 13.96 -5.94
N ASP A 225 -27.15 13.00 -5.66
CA ASP A 225 -26.05 12.69 -6.57
C ASP A 225 -26.60 12.24 -7.93
N ASP A 226 -27.66 11.42 -7.91
CA ASP A 226 -28.34 11.00 -9.13
C ASP A 226 -28.90 12.21 -9.91
N ILE A 227 -29.50 13.16 -9.19
CA ILE A 227 -30.06 14.38 -9.79
C ILE A 227 -28.95 15.22 -10.42
N LEU A 228 -27.85 15.37 -9.68
CA LEU A 228 -26.67 16.10 -10.17
C LEU A 228 -26.09 15.48 -11.45
N ASP A 229 -26.13 14.16 -11.52
CA ASP A 229 -25.62 13.38 -12.64
C ASP A 229 -26.47 13.65 -13.89
N VAL A 230 -27.77 13.72 -13.71
CA VAL A 230 -28.71 13.96 -14.81
C VAL A 230 -28.73 15.42 -15.24
N VAL A 231 -28.73 16.37 -14.30
CA VAL A 231 -28.89 17.80 -14.67
C VAL A 231 -27.67 18.52 -15.28
N SER A 232 -26.55 17.81 -15.46
CA SER A 232 -25.35 18.44 -16.05
C SER A 232 -24.49 17.46 -16.86
N SER A 233 -23.51 18.03 -17.58
CA SER A 233 -22.46 17.25 -18.26
C SER A 233 -21.22 18.11 -18.50
N ASP A 246 -27.51 5.52 -20.81
CA ASP A 246 -26.64 4.38 -20.52
C ASP A 246 -26.64 4.07 -19.03
N GLU A 247 -25.73 4.72 -18.30
CA GLU A 247 -25.65 4.59 -16.84
C GLU A 247 -26.67 5.46 -16.15
N ALA A 248 -27.10 6.53 -16.85
CA ALA A 248 -28.12 7.45 -16.36
C ALA A 248 -29.49 6.78 -16.23
N LYS A 249 -29.61 5.59 -16.82
CA LYS A 249 -30.76 4.72 -16.67
C LYS A 249 -30.95 4.30 -15.21
N ASN A 250 -29.84 3.92 -14.55
CA ASN A 250 -29.90 3.39 -13.20
C ASN A 250 -29.75 4.48 -12.13
N THR A 251 -30.59 5.50 -12.25
CA THR A 251 -30.62 6.62 -11.32
C THR A 251 -32.06 6.91 -10.96
N TYR A 252 -32.28 7.61 -9.85
CA TYR A 252 -33.61 8.06 -9.48
C TYR A 252 -34.39 8.78 -10.61
N PRO A 253 -33.77 9.80 -11.24
CA PRO A 253 -34.56 10.46 -12.29
C PRO A 253 -34.74 9.58 -13.51
N GLY A 254 -33.87 8.58 -13.69
CA GLY A 254 -34.05 7.58 -14.75
C GLY A 254 -35.24 6.70 -14.51
N LYS A 255 -35.55 6.41 -13.25
CA LYS A 255 -36.71 5.59 -12.92
C LYS A 255 -37.99 6.40 -12.79
N LEU A 256 -37.88 7.62 -12.25
CA LEU A 256 -39.05 8.33 -11.74
C LEU A 256 -39.26 9.64 -12.48
N GLY A 257 -38.27 10.03 -13.29
CA GLY A 257 -38.18 11.38 -13.83
C GLY A 257 -37.66 12.36 -12.80
N LEU A 258 -37.26 13.54 -13.25
CA LEU A 258 -36.64 14.53 -12.37
C LEU A 258 -37.56 15.08 -11.28
N ILE A 259 -38.83 15.34 -11.59
CA ILE A 259 -39.80 15.75 -10.56
C ILE A 259 -40.02 14.66 -9.50
N GLY A 260 -40.20 13.42 -9.95
CA GLY A 260 -40.37 12.25 -9.06
C GLY A 260 -39.14 12.06 -8.16
N ALA A 261 -37.94 12.21 -8.75
CA ALA A 261 -36.67 12.11 -8.01
C ALA A 261 -36.62 13.21 -6.97
N ASN A 262 -36.96 14.43 -7.36
CA ASN A 262 -36.95 15.55 -6.41
C ASN A 262 -37.98 15.38 -5.28
N GLN A 263 -39.14 14.79 -5.58
CA GLN A 263 -40.12 14.48 -4.55
C GLN A 263 -39.56 13.44 -3.58
N ALA A 264 -38.82 12.47 -4.11
CA ALA A 264 -38.16 11.48 -3.27
C ALA A 264 -37.12 12.18 -2.37
N LEU A 265 -36.34 13.10 -2.96
CA LEU A 265 -35.38 13.83 -2.14
C LEU A 265 -35.99 14.63 -1.00
N ILE A 266 -37.03 15.40 -1.32
CA ILE A 266 -37.76 16.23 -0.35
C ILE A 266 -38.35 15.41 0.79
N ASP A 267 -38.96 14.29 0.46
CA ASP A 267 -39.56 13.41 1.47
C ASP A 267 -38.49 12.79 2.37
N THR A 268 -37.35 12.41 1.78
CA THR A 268 -36.27 11.81 2.55
C THR A 268 -35.63 12.81 3.52
N ILE A 269 -35.41 14.04 3.05
CA ILE A 269 -34.91 15.09 3.90
C ILE A 269 -35.86 15.24 5.09
N HIS A 270 -37.15 15.34 4.81
CA HIS A 270 -38.11 15.51 5.89
C HIS A 270 -38.09 14.32 6.86
N SER A 271 -37.97 13.13 6.31
CA SER A 271 -37.91 11.89 7.12
C SER A 271 -36.74 11.91 8.09
N GLY A 272 -35.57 12.35 7.60
CA GLY A 272 -34.40 12.47 8.46
C GLY A 272 -34.49 13.53 9.54
N GLN A 273 -35.08 14.68 9.18
CA GLN A 273 -35.27 15.77 10.12
C GLN A 273 -36.24 15.28 11.20
N ALA A 274 -37.29 14.60 10.77
CA ALA A 274 -38.30 14.05 11.74
C ALA A 274 -37.65 13.07 12.71
N ALA A 275 -36.70 12.28 12.21
CA ALA A 275 -36.03 11.26 13.02
C ALA A 275 -35.25 11.91 14.15
N LEU A 276 -34.51 12.98 13.82
CA LEU A 276 -33.74 13.71 14.81
C LEU A 276 -34.61 14.42 15.81
N GLN A 277 -35.81 14.82 15.39
CA GLN A 277 -36.75 15.51 16.24
C GLN A 277 -37.23 14.60 17.36
N GLY A 278 -36.94 13.30 17.25
CA GLY A 278 -37.10 12.41 18.41
C GLY A 278 -36.17 12.69 19.61
N LEU A 279 -35.06 13.37 19.37
CA LEU A 279 -34.08 13.64 20.42
C LEU A 279 -34.30 15.03 21.01
N PRO A 280 -33.76 15.32 22.23
CA PRO A 280 -33.95 16.66 22.75
C PRO A 280 -33.29 17.68 21.83
N THR A 281 -33.92 18.83 21.65
CA THR A 281 -33.41 19.88 20.78
CA THR A 281 -33.37 19.84 20.76
C THR A 281 -32.12 20.46 21.36
N SER A 282 -31.16 20.75 20.49
CA SER A 282 -29.96 21.47 20.92
C SER A 282 -29.37 22.18 19.72
N THR A 283 -28.57 23.20 19.98
CA THR A 283 -27.80 23.83 18.92
C THR A 283 -26.90 22.83 18.13
N GLN A 284 -26.27 21.89 18.84
CA GLN A 284 -25.45 20.88 18.17
C GLN A 284 -26.28 19.92 17.30
N ARG A 285 -27.50 19.60 17.73
CA ARG A 285 -28.36 18.78 16.89
C ARG A 285 -28.92 19.56 15.70
N ASP A 286 -29.09 20.87 15.88
CA ASP A 286 -29.51 21.72 14.79
C ASP A 286 -28.37 21.75 13.73
N ASP A 287 -27.12 21.78 14.19
CA ASP A 287 -25.96 21.71 13.29
C ASP A 287 -25.98 20.41 12.49
N LEU A 288 -26.26 19.29 13.17
CA LEU A 288 -26.35 18.00 12.48
C LEU A 288 -27.49 17.96 11.47
N ALA A 289 -28.67 18.44 11.87
CA ALA A 289 -29.82 18.53 10.98
C ALA A 289 -29.55 19.37 9.73
N ALA A 290 -28.76 20.42 9.92
CA ALA A 290 -28.40 21.32 8.81
C ALA A 290 -27.61 20.65 7.66
N PHE A 291 -27.07 19.45 7.91
CA PHE A 291 -26.38 18.72 6.86
C PHE A 291 -27.27 18.43 5.66
N PHE A 292 -28.60 18.36 5.89
CA PHE A 292 -29.53 18.17 4.78
C PHE A 292 -29.54 19.36 3.83
N SER A 293 -29.12 20.54 4.28
CA SER A 293 -29.10 21.71 3.40
C SER A 293 -27.97 21.65 2.35
N TYR A 294 -27.10 20.65 2.42
CA TYR A 294 -26.21 20.30 1.28
C TYR A 294 -26.99 19.99 -0.01
N PHE A 295 -28.26 19.62 0.13
CA PHE A 295 -29.00 19.10 -1.02
C PHE A 295 -29.99 20.16 -1.47
N ASP A 296 -29.72 20.76 -2.63
CA ASP A 296 -30.53 21.84 -3.13
C ASP A 296 -31.80 21.24 -3.78
N THR A 297 -32.95 21.48 -3.16
CA THR A 297 -34.21 20.90 -3.65
C THR A 297 -34.83 21.72 -4.79
N GLU A 298 -34.08 22.71 -5.28
CA GLU A 298 -34.51 23.42 -6.48
C GLU A 298 -33.56 23.22 -7.67
N ARG A 299 -32.53 22.40 -7.49
CA ARG A 299 -31.59 22.00 -8.55
C ARG A 299 -32.25 21.43 -9.80
N VAL A 300 -33.38 20.73 -9.62
CA VAL A 300 -34.12 20.18 -10.75
C VAL A 300 -34.74 21.27 -11.62
N ASN A 301 -35.08 22.41 -11.00
CA ASN A 301 -35.70 23.56 -11.68
C ASN A 301 -34.66 24.56 -12.15
N SER B 2 11.95 -39.49 9.41
CA SER B 2 12.24 -38.42 10.40
C SER B 2 11.01 -38.13 11.26
N LEU B 3 11.19 -38.20 12.59
CA LEU B 3 10.11 -38.01 13.56
C LEU B 3 9.61 -36.58 13.59
N ILE B 4 10.54 -35.64 13.38
CA ILE B 4 10.17 -34.23 13.33
C ILE B 4 9.27 -33.95 12.11
N ASN B 5 9.59 -34.56 10.96
CA ASN B 5 8.74 -34.47 9.76
C ASN B 5 7.35 -35.03 10.01
N ALA B 6 7.29 -36.21 10.64
CA ALA B 6 6.02 -36.89 10.96
C ALA B 6 5.17 -36.07 11.93
N ARG B 7 5.83 -35.37 12.85
CA ARG B 7 5.14 -34.53 13.81
C ARG B 7 4.45 -33.36 13.10
N LEU B 8 5.15 -32.72 12.16
CA LEU B 8 4.51 -31.64 11.41
C LEU B 8 3.35 -32.13 10.52
N ILE B 9 3.54 -33.25 9.82
CA ILE B 9 2.51 -33.81 8.95
C ILE B 9 1.26 -34.17 9.74
N ALA B 10 1.44 -34.76 10.92
CA ALA B 10 0.31 -35.14 11.78
C ALA B 10 -0.49 -33.91 12.23
N PHE B 11 0.23 -32.84 12.56
CA PHE B 11 -0.41 -31.59 12.97
C PHE B 11 -1.28 -31.03 11.83
N GLU B 12 -0.71 -30.98 10.64
CA GLU B 12 -1.38 -30.56 9.41
C GLU B 12 -2.60 -31.42 9.07
N ASP B 13 -2.42 -32.74 9.17
CA ASP B 13 -3.50 -33.70 8.89
C ASP B 13 -4.69 -33.56 9.84
N GLN B 14 -4.44 -33.21 11.09
CA GLN B 14 -5.52 -33.01 12.05
C GLN B 14 -6.19 -31.64 11.84
N TRP B 15 -5.37 -30.60 11.65
CA TRP B 15 -5.89 -29.23 11.74
C TRP B 15 -6.41 -28.64 10.44
N VAL B 16 -5.78 -28.95 9.30
CA VAL B 16 -6.25 -28.39 8.01
C VAL B 16 -7.75 -28.69 7.71
N PRO B 17 -8.20 -29.96 7.82
CA PRO B 17 -9.64 -30.19 7.58
C PRO B 17 -10.58 -29.49 8.57
N ALA B 18 -10.20 -29.41 9.84
CA ALA B 18 -11.00 -28.73 10.87
C ALA B 18 -11.08 -27.22 10.61
N LEU B 19 -9.96 -26.62 10.19
CA LEU B 19 -9.91 -25.18 9.87
C LEU B 19 -10.70 -24.88 8.60
N ASN B 20 -10.60 -25.78 7.61
CA ASN B 20 -11.30 -25.61 6.35
C ASN B 20 -12.82 -25.77 6.44
N ALA B 21 -13.26 -26.68 7.30
CA ALA B 21 -14.69 -27.08 7.35
C ALA B 21 -15.71 -25.92 7.36
N PRO B 22 -15.55 -24.93 8.29
CA PRO B 22 -16.59 -23.87 8.29
C PRO B 22 -16.46 -22.75 7.26
N LEU B 23 -15.42 -22.76 6.41
CA LEU B 23 -15.14 -21.65 5.51
C LEU B 23 -16.29 -21.26 4.57
N LYS B 24 -16.82 -22.23 3.83
CA LYS B 24 -17.86 -21.96 2.83
CA LYS B 24 -17.87 -21.96 2.82
C LYS B 24 -19.08 -21.27 3.44
N GLN B 25 -19.61 -21.86 4.51
CA GLN B 25 -20.79 -21.34 5.20
C GLN B 25 -20.54 -19.93 5.79
N ALA B 26 -19.37 -19.74 6.41
CA ALA B 26 -19.10 -18.48 7.12
C ALA B 26 -19.03 -17.30 6.15
N ILE B 27 -18.37 -17.53 5.01
CA ILE B 27 -18.21 -16.50 3.98
C ILE B 27 -19.58 -16.14 3.39
N LEU B 28 -20.39 -17.16 3.10
CA LEU B 28 -21.73 -16.94 2.59
C LEU B 28 -22.61 -16.18 3.58
N ALA B 29 -22.57 -16.58 4.85
CA ALA B 29 -23.33 -15.90 5.90
C ALA B 29 -22.98 -14.42 6.01
N ASP B 30 -21.73 -14.09 5.66
CA ASP B 30 -21.23 -12.74 5.83
C ASP B 30 -21.27 -11.92 4.54
N SER B 31 -21.88 -12.47 3.48
CA SER B 31 -21.96 -11.77 2.21
C SER B 31 -23.40 -11.43 1.88
N GLN B 32 -23.58 -10.38 1.09
CA GLN B 32 -24.90 -10.05 0.54
C GLN B 32 -24.94 -9.94 -0.97
N ASP B 33 -23.93 -10.49 -1.65
CA ASP B 33 -23.97 -10.64 -3.08
C ASP B 33 -23.52 -12.06 -3.41
N ALA B 34 -24.30 -12.76 -4.23
CA ALA B 34 -24.07 -14.19 -4.50
C ALA B 34 -22.79 -14.41 -5.31
N GLN B 35 -22.61 -13.61 -6.33
CA GLN B 35 -21.45 -13.73 -7.22
C GLN B 35 -20.13 -13.37 -6.51
N LEU B 36 -20.21 -12.37 -5.62
CA LEU B 36 -19.09 -11.99 -4.75
C LEU B 36 -18.74 -13.12 -3.80
N ALA B 37 -19.75 -13.66 -3.12
CA ALA B 37 -19.56 -14.78 -2.22
C ALA B 37 -18.91 -15.97 -2.94
N ALA B 38 -19.31 -16.20 -4.19
CA ALA B 38 -18.79 -17.32 -4.98
C ALA B 38 -17.32 -17.08 -5.39
N ALA B 39 -17.00 -15.84 -5.72
CA ALA B 39 -15.66 -15.50 -6.15
C ALA B 39 -14.67 -15.55 -4.99
N MET B 40 -15.11 -15.09 -3.81
CA MET B 40 -14.24 -15.08 -2.64
C MET B 40 -13.99 -16.52 -2.18
N THR B 41 -15.05 -17.32 -2.15
CA THR B 41 -14.95 -18.71 -1.69
C THR B 41 -14.14 -19.58 -2.63
N TYR B 42 -14.26 -19.32 -3.93
CA TYR B 42 -13.47 -20.06 -4.93
C TYR B 42 -11.98 -19.98 -4.65
N SER B 43 -11.48 -18.77 -4.43
CA SER B 43 -10.07 -18.57 -4.15
C SER B 43 -9.62 -19.08 -2.80
N VAL B 44 -10.46 -18.93 -1.76
CA VAL B 44 -10.09 -19.37 -0.42
C VAL B 44 -10.02 -20.91 -0.39
N LEU B 45 -10.97 -21.54 -1.07
CA LEU B 45 -11.01 -23.01 -1.07
C LEU B 45 -10.07 -23.67 -2.09
N ALA B 46 -9.17 -22.89 -2.70
CA ALA B 46 -8.28 -23.38 -3.76
C ALA B 46 -7.01 -24.11 -3.28
N GLY B 47 -7.20 -25.00 -2.30
CA GLY B 47 -6.19 -25.95 -1.84
C GLY B 47 -4.92 -25.45 -1.15
N GLY B 48 -4.98 -24.28 -0.50
CA GLY B 48 -3.84 -23.79 0.29
C GLY B 48 -3.56 -24.65 1.52
N LYS B 49 -2.29 -24.74 1.90
CA LYS B 49 -1.87 -25.61 3.01
C LYS B 49 -2.13 -25.01 4.42
N ARG B 50 -2.64 -23.77 4.44
CA ARG B 50 -2.98 -23.03 5.68
C ARG B 50 -1.81 -22.86 6.60
N LEU B 51 -0.61 -22.66 6.04
CA LEU B 51 0.59 -22.46 6.88
C LEU B 51 0.45 -21.37 7.95
N ARG B 52 -0.11 -20.22 7.57
CA ARG B 52 -0.15 -19.09 8.46
C ARG B 52 -1.13 -19.32 9.64
N PRO B 53 -2.36 -19.77 9.37
CA PRO B 53 -3.16 -20.05 10.59
C PRO B 53 -2.64 -21.23 11.43
N LEU B 54 -1.98 -22.19 10.79
CA LEU B 54 -1.36 -23.30 11.56
C LEU B 54 -0.33 -22.80 12.54
N LEU B 55 0.47 -21.82 12.12
CA LEU B 55 1.43 -21.21 13.01
C LEU B 55 0.77 -20.49 14.18
N THR B 56 -0.36 -19.84 13.93
CA THR B 56 -1.09 -19.18 15.00
C THR B 56 -1.62 -20.23 16.01
N VAL B 57 -2.24 -21.29 15.51
CA VAL B 57 -2.75 -22.38 16.37
C VAL B 57 -1.61 -23.04 17.16
N ALA B 58 -0.52 -23.40 16.47
CA ALA B 58 0.62 -23.98 17.17
C ALA B 58 1.17 -23.08 18.25
N THR B 59 1.32 -21.79 17.94
CA THR B 59 1.80 -20.83 18.92
C THR B 59 0.91 -20.71 20.17
N MET B 60 -0.38 -20.52 19.96
CA MET B 60 -1.30 -20.33 21.09
C MET B 60 -1.36 -21.57 21.97
N GLN B 61 -1.39 -22.76 21.35
CA GLN B 61 -1.45 -24.00 22.11
C GLN B 61 -0.14 -24.34 22.82
N SER B 62 1.01 -23.93 22.26
CA SER B 62 2.30 -24.04 22.94
C SER B 62 2.34 -23.18 24.21
N LEU B 63 1.52 -22.12 24.26
CA LEU B 63 1.44 -21.24 25.42
C LEU B 63 0.37 -21.70 26.43
N GLY B 64 -0.29 -22.81 26.16
CA GLY B 64 -1.29 -23.32 27.10
C GLY B 64 -2.71 -22.85 26.88
N VAL B 65 -2.98 -22.28 25.71
CA VAL B 65 -4.35 -21.86 25.40
C VAL B 65 -4.92 -22.72 24.29
N THR B 66 -5.94 -23.50 24.62
CA THR B 66 -6.53 -24.40 23.66
C THR B 66 -7.42 -23.64 22.65
N PHE B 67 -7.35 -24.04 21.38
CA PHE B 67 -8.22 -23.48 20.31
C PHE B 67 -9.69 -23.83 20.57
N VAL B 68 -10.53 -22.81 20.75
CA VAL B 68 -11.98 -22.97 20.94
C VAL B 68 -12.68 -22.38 19.70
N PRO B 69 -13.25 -23.26 18.85
CA PRO B 69 -13.89 -22.90 17.58
C PRO B 69 -14.75 -21.64 17.65
N GLU B 70 -15.67 -21.58 18.63
CA GLU B 70 -16.57 -20.41 18.80
C GLU B 70 -15.88 -19.10 19.12
N ARG B 71 -14.72 -19.18 19.78
CA ARG B 71 -13.96 -17.99 20.16
C ARG B 71 -12.88 -17.68 19.12
N HIS B 72 -12.24 -18.72 18.59
CA HIS B 72 -10.95 -18.58 17.88
C HIS B 72 -10.93 -18.78 16.36
N TRP B 73 -11.91 -19.51 15.83
CA TRP B 73 -11.88 -19.88 14.42
C TRP B 73 -11.90 -18.67 13.46
N ARG B 74 -12.85 -17.76 13.65
CA ARG B 74 -12.92 -16.58 12.78
C ARG B 74 -11.65 -15.70 12.93
N PRO B 75 -11.21 -15.38 14.18
CA PRO B 75 -9.99 -14.55 14.23
C PRO B 75 -8.74 -15.24 13.70
N VAL B 76 -8.58 -16.54 13.96
CA VAL B 76 -7.48 -17.28 13.37
C VAL B 76 -7.51 -17.31 11.83
N MET B 77 -8.70 -17.57 11.27
CA MET B 77 -8.80 -17.70 9.83
C MET B 77 -8.86 -16.37 9.09
N ALA B 78 -9.03 -15.27 9.84
CA ALA B 78 -8.92 -13.91 9.26
C ALA B 78 -7.59 -13.72 8.48
N LEU B 79 -6.51 -14.27 9.04
CA LEU B 79 -5.20 -14.26 8.37
C LEU B 79 -5.19 -14.98 7.04
N GLU B 80 -5.89 -16.12 6.99
CA GLU B 80 -6.02 -16.82 5.73
C GLU B 80 -6.85 -16.06 4.67
N LEU B 81 -7.94 -15.42 5.08
CA LEU B 81 -8.71 -14.60 4.14
C LEU B 81 -7.78 -13.52 3.57
N LEU B 82 -7.03 -12.87 4.46
CA LEU B 82 -6.12 -11.82 4.01
C LEU B 82 -5.03 -12.39 3.10
N HIS B 83 -4.41 -13.52 3.48
CA HIS B 83 -3.45 -14.19 2.59
C HIS B 83 -4.07 -14.48 1.20
N THR B 84 -5.32 -14.97 1.18
CA THR B 84 -6.02 -15.25 -0.09
C THR B 84 -6.21 -13.98 -0.93
N TYR B 85 -6.66 -12.91 -0.28
CA TYR B 85 -6.84 -11.64 -0.98
C TYR B 85 -5.54 -11.29 -1.69
N SER B 86 -4.42 -11.50 -1.02
CA SER B 86 -3.14 -11.09 -1.61
C SER B 86 -2.82 -11.86 -2.88
N LEU B 87 -3.07 -13.18 -2.86
CA LEU B 87 -2.94 -14.04 -4.04
C LEU B 87 -3.84 -13.60 -5.21
N ILE B 88 -5.09 -13.24 -4.90
CA ILE B 88 -6.04 -12.84 -5.92
C ILE B 88 -5.60 -11.57 -6.63
N HIS B 89 -5.17 -10.57 -5.85
CA HIS B 89 -4.72 -9.30 -6.39
C HIS B 89 -3.39 -9.45 -7.10
N ASP B 90 -2.54 -10.34 -6.61
CA ASP B 90 -1.26 -10.64 -7.26
C ASP B 90 -1.50 -11.15 -8.65
N ASP B 91 -2.52 -11.99 -8.84
CA ASP B 91 -2.81 -12.64 -10.12
C ASP B 91 -3.45 -11.75 -11.17
N LEU B 92 -4.01 -10.61 -10.74
CA LEU B 92 -4.77 -9.71 -11.63
C LEU B 92 -4.01 -9.28 -12.89
N PRO B 93 -4.76 -9.03 -14.00
CA PRO B 93 -4.19 -8.45 -15.22
C PRO B 93 -3.32 -7.20 -14.97
N ALA B 94 -3.75 -6.32 -14.07
CA ALA B 94 -3.01 -5.10 -13.71
C ALA B 94 -1.67 -5.37 -12.98
N MET B 95 -1.53 -6.57 -12.45
CA MET B 95 -0.35 -6.94 -11.65
C MET B 95 0.53 -7.95 -12.40
N ASP B 96 0.47 -9.23 -12.00
CA ASP B 96 1.32 -10.27 -12.60
C ASP B 96 0.68 -10.88 -13.84
N ASN B 97 -0.66 -10.85 -13.90
CA ASN B 97 -1.44 -11.36 -15.02
C ASN B 97 -1.30 -12.87 -15.22
N ASP B 98 -1.66 -13.63 -14.19
CA ASP B 98 -1.52 -15.07 -14.26
C ASP B 98 -2.84 -15.73 -14.59
N ALA B 99 -2.81 -16.63 -15.57
CA ALA B 99 -3.98 -17.37 -15.97
C ALA B 99 -4.20 -18.60 -15.09
N LEU B 100 -3.13 -19.03 -14.41
CA LEU B 100 -3.13 -20.29 -13.64
C LEU B 100 -2.45 -20.20 -12.27
N ARG B 101 -3.00 -20.94 -11.31
CA ARG B 101 -2.41 -21.16 -9.97
C ARG B 101 -2.90 -22.50 -9.43
N ARG B 102 -1.98 -23.33 -8.92
CA ARG B 102 -2.25 -24.70 -8.43
C ARG B 102 -2.75 -25.65 -9.55
N GLY B 103 -2.41 -25.33 -10.80
CA GLY B 103 -2.96 -26.02 -11.99
C GLY B 103 -4.45 -25.77 -12.21
N GLU B 104 -4.93 -24.65 -11.67
CA GLU B 104 -6.34 -24.24 -11.72
C GLU B 104 -6.46 -22.81 -12.23
N PRO B 105 -7.57 -22.48 -12.93
CA PRO B 105 -7.76 -21.08 -13.36
C PRO B 105 -7.81 -20.11 -12.16
N THR B 106 -7.11 -18.99 -12.30
CA THR B 106 -7.08 -17.93 -11.28
C THR B 106 -8.46 -17.24 -11.20
N ASN B 107 -8.68 -16.50 -10.11
CA ASN B 107 -9.99 -15.86 -9.85
C ASN B 107 -10.48 -14.99 -11.02
N HIS B 108 -9.59 -14.18 -11.58
CA HIS B 108 -9.98 -13.30 -12.70
C HIS B 108 -10.36 -14.03 -14.00
N VAL B 109 -9.77 -15.18 -14.26
CA VAL B 109 -10.17 -15.98 -15.42
C VAL B 109 -11.63 -16.46 -15.26
N LYS B 110 -11.95 -16.94 -14.05
CA LYS B 110 -13.27 -17.52 -13.79
C LYS B 110 -14.39 -16.49 -13.61
N PHE B 111 -14.04 -15.33 -13.05
CA PHE B 111 -15.04 -14.33 -12.62
C PHE B 111 -14.90 -12.99 -13.32
N GLY B 112 -13.77 -12.77 -13.99
CA GLY B 112 -13.43 -11.50 -14.62
C GLY B 112 -12.55 -10.69 -13.68
N ALA B 113 -11.77 -9.75 -14.21
CA ALA B 113 -10.81 -8.96 -13.42
C ALA B 113 -11.47 -7.99 -12.43
N GLY B 114 -12.64 -7.47 -12.81
CA GLY B 114 -13.45 -6.62 -11.95
C GLY B 114 -13.94 -7.30 -10.69
N MET B 115 -14.58 -8.46 -10.85
CA MET B 115 -15.09 -9.20 -9.71
C MET B 115 -13.94 -9.74 -8.87
N ALA B 116 -12.83 -10.11 -9.53
CA ALA B 116 -11.66 -10.63 -8.81
C ALA B 116 -11.06 -9.53 -7.93
N THR B 117 -11.01 -8.30 -8.42
CA THR B 117 -10.51 -7.19 -7.62
C THR B 117 -11.38 -7.01 -6.37
N LEU B 118 -12.69 -7.03 -6.59
CA LEU B 118 -13.67 -6.91 -5.53
C LEU B 118 -13.64 -8.05 -4.56
N ALA B 119 -13.37 -9.27 -5.04
CA ALA B 119 -13.29 -10.44 -4.17
C ALA B 119 -12.09 -10.25 -3.23
N GLY B 120 -10.99 -9.73 -3.76
CA GLY B 120 -9.83 -9.39 -2.92
C GLY B 120 -10.18 -8.33 -1.87
N ASP B 121 -10.86 -7.27 -2.29
CA ASP B 121 -11.26 -6.17 -1.40
C ASP B 121 -12.18 -6.69 -0.30
N GLY B 122 -13.10 -7.58 -0.69
CA GLY B 122 -14.08 -8.18 0.23
C GLY B 122 -13.42 -9.06 1.27
N LEU B 123 -12.45 -9.86 0.84
CA LEU B 123 -11.68 -10.74 1.76
C LEU B 123 -10.81 -9.95 2.72
N LEU B 124 -10.13 -8.90 2.24
CA LEU B 124 -9.37 -8.02 3.13
C LEU B 124 -10.23 -7.37 4.21
N THR B 125 -11.40 -6.87 3.79
CA THR B 125 -12.30 -6.21 4.71
C THR B 125 -12.88 -7.24 5.68
N LEU B 126 -13.28 -8.39 5.13
CA LEU B 126 -13.87 -9.45 5.96
C LEU B 126 -12.92 -9.95 7.05
N ALA B 127 -11.62 -9.96 6.77
CA ALA B 127 -10.62 -10.36 7.74
C ALA B 127 -10.76 -9.53 9.02
N PHE B 128 -10.99 -8.23 8.89
CA PHE B 128 -11.12 -7.39 10.08
C PHE B 128 -12.43 -7.59 10.83
N GLN B 129 -13.48 -7.93 10.09
CA GLN B 129 -14.77 -8.28 10.69
C GLN B 129 -14.58 -9.57 11.48
N TRP B 130 -13.86 -10.53 10.92
CA TRP B 130 -13.66 -11.82 11.62
C TRP B 130 -12.80 -11.68 12.85
N LEU B 131 -11.77 -10.80 12.80
CA LEU B 131 -11.01 -10.56 14.02
C LEU B 131 -11.86 -10.07 15.20
N THR B 132 -12.95 -9.36 14.89
CA THR B 132 -13.70 -8.67 15.93
C THR B 132 -15.10 -9.27 16.10
N ALA B 133 -15.33 -10.42 15.46
CA ALA B 133 -16.66 -11.05 15.37
C ALA B 133 -17.03 -11.96 16.52
N THR B 134 -16.06 -12.34 17.35
CA THR B 134 -16.32 -13.34 18.39
C THR B 134 -16.24 -12.67 19.73
N ASP B 135 -16.48 -13.42 20.80
CA ASP B 135 -16.35 -12.79 22.10
C ASP B 135 -15.00 -13.08 22.75
N LEU B 136 -13.98 -12.50 22.15
CA LEU B 136 -12.67 -12.35 22.74
C LEU B 136 -12.69 -11.03 23.50
N PRO B 137 -11.82 -10.88 24.51
CA PRO B 137 -11.71 -9.62 25.23
C PRO B 137 -11.29 -8.52 24.24
N ALA B 138 -11.83 -7.32 24.42
CA ALA B 138 -11.60 -6.26 23.41
C ALA B 138 -10.13 -5.90 23.29
N THR B 139 -9.36 -5.95 24.39
CA THR B 139 -7.93 -5.68 24.36
C THR B 139 -7.20 -6.58 23.36
N MET B 140 -7.55 -7.87 23.37
CA MET B 140 -7.07 -8.86 22.39
C MET B 140 -7.51 -8.49 20.96
N GLN B 141 -8.80 -8.19 20.80
CA GLN B 141 -9.36 -7.85 19.46
C GLN B 141 -8.61 -6.65 18.85
N ALA B 142 -8.45 -5.62 19.65
CA ALA B 142 -7.80 -4.37 19.16
C ALA B 142 -6.35 -4.64 18.85
N ALA B 143 -5.69 -5.47 19.68
CA ALA B 143 -4.26 -5.78 19.44
C ALA B 143 -4.08 -6.57 18.14
N LEU B 144 -4.95 -7.55 17.89
CA LEU B 144 -4.91 -8.31 16.65
C LEU B 144 -5.11 -7.41 15.44
N VAL B 145 -6.10 -6.52 15.52
CA VAL B 145 -6.39 -5.58 14.43
C VAL B 145 -5.18 -4.71 14.12
N GLN B 146 -4.58 -4.15 15.17
CA GLN B 146 -3.44 -3.25 14.99
C GLN B 146 -2.26 -4.00 14.37
N ALA B 147 -2.00 -5.20 14.88
CA ALA B 147 -0.92 -6.04 14.35
C ALA B 147 -1.16 -6.47 12.90
N LEU B 148 -2.40 -6.88 12.57
CA LEU B 148 -2.69 -7.34 11.21
C LEU B 148 -2.65 -6.19 10.19
N ALA B 149 -3.21 -5.04 10.59
CA ALA B 149 -3.27 -3.91 9.68
C ALA B 149 -1.83 -3.43 9.42
N THR B 150 -1.02 -3.39 10.47
CA THR B 150 0.39 -2.97 10.32
C THR B 150 1.17 -3.94 9.42
N ALA B 151 0.97 -5.23 9.63
CA ALA B 151 1.61 -6.25 8.80
C ALA B 151 1.16 -6.22 7.33
N ALA B 152 -0.11 -5.92 7.07
CA ALA B 152 -0.65 -6.09 5.74
C ALA B 152 -0.61 -4.79 4.94
N GLY B 153 -0.41 -3.67 5.64
CA GLY B 153 -0.66 -2.37 5.03
C GLY B 153 0.50 -1.76 4.29
N PRO B 154 0.51 -0.43 4.19
CA PRO B 154 1.51 0.28 3.37
C PRO B 154 2.90 0.40 4.00
N SER B 155 3.11 -0.18 5.19
CA SER B 155 4.46 -0.41 5.72
C SER B 155 4.80 -1.88 5.75
N GLY B 156 3.89 -2.69 5.22
CA GLY B 156 4.01 -4.15 5.32
C GLY B 156 3.74 -4.71 3.96
N MET B 157 2.81 -5.68 3.89
CA MET B 157 2.56 -6.43 2.65
C MET B 157 2.32 -5.60 1.39
N VAL B 158 1.46 -4.58 1.46
CA VAL B 158 1.17 -3.73 0.29
C VAL B 158 2.42 -2.96 -0.18
N ALA B 159 3.23 -2.49 0.77
CA ALA B 159 4.50 -1.85 0.45
C ALA B 159 5.41 -2.84 -0.27
N GLY B 160 5.39 -4.11 0.17
CA GLY B 160 6.16 -5.17 -0.48
C GLY B 160 5.71 -5.43 -1.90
N GLN B 161 4.39 -5.45 -2.11
CA GLN B 161 3.84 -5.60 -3.44
C GLN B 161 4.21 -4.40 -4.34
N ALA B 162 4.16 -3.20 -3.79
CA ALA B 162 4.54 -1.97 -4.52
C ALA B 162 6.01 -2.02 -4.97
N LYS B 163 6.89 -2.44 -4.08
CA LYS B 163 8.31 -2.61 -4.42
C LYS B 163 8.50 -3.67 -5.48
N ASP B 164 7.68 -4.73 -5.43
CA ASP B 164 7.75 -5.82 -6.42
C ASP B 164 7.39 -5.33 -7.82
N ILE B 165 6.30 -4.55 -7.93
CA ILE B 165 5.89 -3.93 -9.18
C ILE B 165 7.01 -3.02 -9.70
N GLN B 166 7.63 -2.25 -8.80
CA GLN B 166 8.62 -1.25 -9.20
C GLN B 166 9.98 -1.88 -9.58
N SER B 167 10.10 -3.18 -9.37
CA SER B 167 11.38 -3.83 -9.57
C SER B 167 11.38 -4.84 -10.72
N GLU B 168 10.27 -4.89 -11.47
CA GLU B 168 10.07 -5.83 -12.59
C GLU B 168 11.30 -6.03 -13.51
N HIS B 169 11.91 -4.94 -13.95
CA HIS B 169 13.03 -5.08 -14.89
C HIS B 169 14.26 -4.40 -14.34
N VAL B 170 14.40 -4.48 -13.01
CA VAL B 170 15.50 -3.84 -12.31
C VAL B 170 16.28 -4.94 -11.58
N ASN B 171 17.61 -4.86 -11.59
CA ASN B 171 18.44 -5.76 -10.76
C ASN B 171 18.62 -5.16 -9.38
N LEU B 172 17.75 -5.52 -8.42
CA LEU B 172 17.87 -5.02 -7.05
C LEU B 172 19.16 -5.50 -6.37
N PRO B 173 19.86 -4.60 -5.65
CA PRO B 173 20.88 -5.07 -4.74
C PRO B 173 20.21 -5.92 -3.66
N LEU B 174 20.95 -6.91 -3.14
CA LEU B 174 20.42 -7.81 -2.12
C LEU B 174 19.84 -7.06 -0.90
N SER B 175 20.46 -5.95 -0.50
CA SER B 175 19.95 -5.19 0.65
C SER B 175 18.53 -4.67 0.43
N GLN B 176 18.22 -4.27 -0.80
CA GLN B 176 16.86 -3.83 -1.11
C GLN B 176 15.92 -5.01 -1.29
N LEU B 177 16.42 -6.12 -1.81
CA LEU B 177 15.60 -7.33 -1.93
C LEU B 177 15.15 -7.82 -0.56
N ARG B 178 16.05 -7.71 0.42
CA ARG B 178 15.77 -8.15 1.80
C ARG B 178 14.61 -7.38 2.41
N VAL B 179 14.58 -6.07 2.17
CA VAL B 179 13.46 -5.20 2.60
C VAL B 179 12.16 -5.59 1.91
N LEU B 180 12.23 -5.79 0.60
CA LEU B 180 11.08 -6.20 -0.19
C LEU B 180 10.48 -7.50 0.38
N HIS B 181 11.35 -8.47 0.67
CA HIS B 181 10.91 -9.77 1.20
C HIS B 181 10.29 -9.64 2.59
N LYS B 182 10.93 -8.85 3.44
CA LYS B 182 10.48 -8.69 4.83
C LYS B 182 9.07 -8.10 4.81
N GLU B 183 8.84 -7.15 3.90
CA GLU B 183 7.50 -6.59 3.70
C GLU B 183 6.49 -7.56 3.04
N LYS B 184 6.83 -8.09 1.88
CA LYS B 184 5.88 -8.81 1.02
C LYS B 184 5.46 -10.15 1.63
N THR B 185 6.41 -10.87 2.19
CA THR B 185 6.09 -12.18 2.78
C THR B 185 6.41 -12.32 4.26
N GLY B 186 7.46 -11.64 4.71
CA GLY B 186 7.89 -11.74 6.11
C GLY B 186 6.83 -11.25 7.11
N ALA B 187 6.19 -10.13 6.79
CA ALA B 187 5.35 -9.44 7.77
C ALA B 187 4.14 -10.30 8.18
N LEU B 188 3.48 -10.96 7.22
CA LEU B 188 2.32 -11.84 7.56
C LEU B 188 2.74 -13.08 8.33
N LEU B 189 3.97 -13.55 8.09
CA LEU B 189 4.46 -14.72 8.86
C LEU B 189 4.88 -14.31 10.27
N HIS B 190 5.42 -13.11 10.42
CA HIS B 190 5.69 -12.52 11.73
C HIS B 190 4.34 -12.40 12.47
N TYR B 191 3.32 -11.86 11.78
CA TYR B 191 1.99 -11.69 12.37
C TYR B 191 1.40 -13.04 12.80
N ALA B 192 1.55 -14.08 11.96
CA ALA B 192 0.99 -15.41 12.29
C ALA B 192 1.38 -15.85 13.72
N VAL B 193 2.65 -15.69 14.06
CA VAL B 193 3.13 -16.03 15.40
C VAL B 193 2.68 -14.97 16.43
N GLN B 194 2.80 -13.69 16.10
CA GLN B 194 2.36 -12.64 17.01
C GLN B 194 0.87 -12.80 17.41
N ALA B 195 0.01 -13.18 16.45
CA ALA B 195 -1.40 -13.44 16.74
C ALA B 195 -1.54 -14.58 17.78
N GLY B 196 -0.68 -15.58 17.67
CA GLY B 196 -0.60 -16.65 18.67
C GLY B 196 -0.18 -16.17 20.04
N LEU B 197 0.78 -15.26 20.10
CA LEU B 197 1.18 -14.65 21.37
C LEU B 197 0.05 -13.88 22.08
N ILE B 198 -0.79 -13.23 21.28
CA ILE B 198 -1.88 -12.37 21.74
C ILE B 198 -2.99 -13.29 22.25
N LEU B 199 -3.39 -14.25 21.42
CA LEU B 199 -4.42 -15.23 21.79
C LEU B 199 -3.97 -16.15 22.93
N GLY B 200 -2.68 -16.49 22.95
CA GLY B 200 -2.11 -17.32 24.01
C GLY B 200 -1.69 -16.57 25.26
N GLN B 201 -1.86 -15.24 25.28
CA GLN B 201 -1.43 -14.41 26.43
C GLN B 201 0.02 -14.72 26.87
N ALA B 202 0.93 -14.70 25.91
CA ALA B 202 2.33 -15.01 26.16
C ALA B 202 2.96 -14.07 27.18
N PRO B 203 3.71 -14.63 28.16
CA PRO B 203 4.55 -13.82 29.07
C PRO B 203 5.50 -12.94 28.26
N GLU B 204 5.71 -11.72 28.73
CA GLU B 204 6.49 -10.72 27.99
C GLU B 204 7.94 -11.16 27.73
N ALA B 205 8.52 -11.89 28.68
CA ALA B 205 9.89 -12.40 28.56
C ALA B 205 10.08 -13.30 27.32
N GLN B 206 9.01 -13.97 26.90
CA GLN B 206 9.06 -14.93 25.80
C GLN B 206 8.78 -14.36 24.40
N TRP B 207 8.26 -13.14 24.34
CA TRP B 207 7.95 -12.53 23.05
C TRP B 207 9.18 -12.47 22.13
N PRO B 208 10.36 -12.03 22.63
CA PRO B 208 11.51 -12.00 21.70
C PRO B 208 11.92 -13.33 21.08
N ALA B 209 11.92 -14.43 21.84
CA ALA B 209 12.27 -15.74 21.25
C ALA B 209 11.25 -16.20 20.21
N TYR B 210 9.95 -16.06 20.50
CA TYR B 210 8.94 -16.40 19.50
C TYR B 210 9.03 -15.56 18.25
N LEU B 211 9.28 -14.25 18.39
CA LEU B 211 9.30 -13.37 17.22
C LEU B 211 10.61 -13.48 16.40
N GLN B 212 11.70 -13.84 17.08
CA GLN B 212 12.95 -14.15 16.37
C GLN B 212 12.78 -15.44 15.57
N PHE B 213 12.12 -16.42 16.17
CA PHE B 213 11.71 -17.59 15.42
C PHE B 213 10.84 -17.23 14.22
N ALA B 214 9.83 -16.37 14.43
CA ALA B 214 8.92 -16.02 13.36
C ALA B 214 9.65 -15.34 12.18
N ASP B 215 10.56 -14.44 12.51
CA ASP B 215 11.34 -13.70 11.52
C ASP B 215 12.27 -14.64 10.72
N ALA B 216 12.91 -15.56 11.43
CA ALA B 216 13.75 -16.58 10.78
C ALA B 216 12.91 -17.50 9.89
N PHE B 217 11.77 -17.95 10.40
CA PHE B 217 10.90 -18.79 9.60
C PHE B 217 10.42 -18.08 8.33
N GLY B 218 10.04 -16.80 8.47
CA GLY B 218 9.55 -16.03 7.33
C GLY B 218 10.65 -15.82 6.29
N LEU B 219 11.85 -15.58 6.77
CA LEU B 219 13.02 -15.43 5.85
C LEU B 219 13.34 -16.77 5.15
N ALA B 220 13.46 -17.84 5.94
CA ALA B 220 13.64 -19.16 5.35
C ALA B 220 12.57 -19.49 4.32
N PHE B 221 11.31 -19.19 4.64
CA PHE B 221 10.20 -19.42 3.73
C PHE B 221 10.43 -18.76 2.35
N GLN B 222 10.91 -17.51 2.37
CA GLN B 222 11.14 -16.79 1.13
C GLN B 222 12.34 -17.34 0.37
N ILE B 223 13.41 -17.67 1.08
CA ILE B 223 14.60 -18.23 0.40
C ILE B 223 14.22 -19.56 -0.27
N TYR B 224 13.52 -20.41 0.47
CA TYR B 224 12.99 -21.67 -0.04
C TYR B 224 12.06 -21.48 -1.26
N ASP B 225 11.14 -20.50 -1.17
CA ASP B 225 10.24 -20.23 -2.27
C ASP B 225 11.03 -19.78 -3.50
N ASP B 226 12.00 -18.89 -3.30
CA ASP B 226 12.92 -18.45 -4.36
C ASP B 226 13.65 -19.63 -5.04
N ILE B 227 14.22 -20.53 -4.22
CA ILE B 227 14.92 -21.72 -4.73
C ILE B 227 13.98 -22.58 -5.58
N LEU B 228 12.81 -22.91 -5.02
CA LEU B 228 11.81 -23.70 -5.73
C LEU B 228 11.41 -23.12 -7.07
N ASP B 229 11.18 -21.80 -7.09
CA ASP B 229 10.77 -21.05 -8.28
CA ASP B 229 10.73 -21.16 -8.31
C ASP B 229 11.84 -21.13 -9.36
N VAL B 230 13.08 -20.92 -8.94
CA VAL B 230 14.23 -20.91 -9.85
C VAL B 230 14.55 -22.31 -10.40
N VAL B 231 14.41 -23.34 -9.56
CA VAL B 231 14.68 -24.73 -9.95
C VAL B 231 13.55 -25.30 -10.80
N SER B 232 12.30 -25.05 -10.43
CA SER B 232 11.17 -25.27 -11.32
C SER B 232 11.26 -24.30 -12.50
N ASP B 246 15.39 -12.80 -15.94
CA ASP B 246 14.93 -11.44 -15.69
C ASP B 246 14.02 -11.42 -14.46
N GLU B 247 13.18 -12.44 -14.32
CA GLU B 247 12.43 -12.61 -13.08
C GLU B 247 13.36 -13.21 -12.04
N ALA B 248 14.24 -14.10 -12.50
CA ALA B 248 15.16 -14.86 -11.65
C ALA B 248 16.24 -14.01 -10.96
N LYS B 249 16.54 -12.82 -11.49
CA LYS B 249 17.59 -12.00 -10.87
C LYS B 249 17.21 -11.49 -9.50
N ASN B 250 15.92 -11.21 -9.27
CA ASN B 250 15.50 -10.71 -7.94
C ASN B 250 15.06 -11.85 -7.01
N THR B 251 15.95 -12.81 -6.87
CA THR B 251 15.75 -14.02 -6.05
C THR B 251 17.08 -14.30 -5.39
N TYR B 252 17.03 -15.04 -4.28
CA TYR B 252 18.24 -15.47 -3.61
C TYR B 252 19.21 -16.22 -4.55
N PRO B 253 18.71 -17.20 -5.35
CA PRO B 253 19.67 -17.80 -6.28
C PRO B 253 20.25 -16.80 -7.31
N GLY B 254 19.44 -15.82 -7.72
CA GLY B 254 19.90 -14.73 -8.58
C GLY B 254 20.98 -13.87 -7.94
N LYS B 255 20.92 -13.67 -6.62
CA LYS B 255 21.90 -12.81 -5.96
C LYS B 255 23.13 -13.56 -5.47
N LEU B 256 22.96 -14.80 -5.05
CA LEU B 256 24.02 -15.52 -4.34
C LEU B 256 24.54 -16.75 -5.08
N GLY B 257 23.84 -17.16 -6.13
CA GLY B 257 23.97 -18.51 -6.72
C GLY B 257 23.09 -19.50 -5.96
N LEU B 258 22.76 -20.63 -6.58
CA LEU B 258 21.93 -21.67 -5.95
CA LEU B 258 21.93 -21.66 -5.96
C LEU B 258 22.60 -22.25 -4.71
N ILE B 259 23.92 -22.43 -4.77
CA ILE B 259 24.66 -22.91 -3.58
C ILE B 259 24.62 -21.91 -2.42
N GLY B 260 24.92 -20.63 -2.69
CA GLY B 260 24.81 -19.58 -1.69
C GLY B 260 23.38 -19.42 -1.13
N ALA B 261 22.37 -19.60 -1.97
CA ALA B 261 20.96 -19.49 -1.52
C ALA B 261 20.63 -20.63 -0.56
N ASN B 262 21.07 -21.83 -0.91
CA ASN B 262 20.88 -22.98 -0.01
C ASN B 262 21.64 -22.85 1.29
N GLN B 263 22.87 -22.30 1.24
CA GLN B 263 23.63 -22.01 2.45
C GLN B 263 22.90 -20.99 3.33
N ALA B 264 22.31 -19.97 2.71
CA ALA B 264 21.52 -18.97 3.43
C ALA B 264 20.25 -19.58 4.08
N LEU B 265 19.61 -20.49 3.35
CA LEU B 265 18.43 -21.20 3.88
C LEU B 265 18.82 -21.99 5.12
N ILE B 266 19.89 -22.78 5.00
CA ILE B 266 20.40 -23.56 6.15
C ILE B 266 20.80 -22.66 7.35
N ASP B 267 21.51 -21.56 7.09
CA ASP B 267 21.92 -20.65 8.15
C ASP B 267 20.71 -20.05 8.88
N THR B 268 19.70 -19.69 8.08
CA THR B 268 18.48 -19.08 8.61
C THR B 268 17.68 -20.09 9.44
N ILE B 269 17.55 -21.32 8.94
CA ILE B 269 16.94 -22.41 9.74
C ILE B 269 17.65 -22.54 11.09
N HIS B 270 18.97 -22.62 11.07
CA HIS B 270 19.77 -22.67 12.30
C HIS B 270 19.54 -21.51 13.27
N SER B 271 19.46 -20.26 12.76
CA SER B 271 19.15 -19.11 13.61
CA SER B 271 19.19 -19.14 13.66
C SER B 271 17.76 -19.24 14.24
N GLY B 272 16.83 -19.78 13.47
CA GLY B 272 15.47 -19.97 13.93
C GLY B 272 15.40 -21.01 15.01
N GLN B 273 16.15 -22.09 14.81
CA GLN B 273 16.25 -23.13 15.86
C GLN B 273 16.93 -22.58 17.11
N ALA B 274 17.95 -21.74 16.92
CA ALA B 274 18.63 -21.11 18.07
C ALA B 274 17.72 -20.16 18.86
N ALA B 275 16.85 -19.43 18.15
CA ALA B 275 15.89 -18.54 18.80
C ALA B 275 14.98 -19.34 19.74
N LEU B 276 14.54 -20.48 19.25
CA LEU B 276 13.63 -21.34 20.02
C LEU B 276 14.23 -21.88 21.30
N GLN B 277 15.55 -22.05 21.32
CA GLN B 277 16.29 -22.48 22.52
C GLN B 277 16.16 -21.54 23.72
N GLY B 278 15.77 -20.29 23.46
CA GLY B 278 15.48 -19.32 24.51
C GLY B 278 14.15 -19.50 25.23
N LEU B 279 13.32 -20.43 24.77
CA LEU B 279 12.02 -20.65 25.39
C LEU B 279 12.23 -21.58 26.57
N PRO B 280 11.42 -21.44 27.65
CA PRO B 280 11.73 -22.14 28.91
C PRO B 280 11.36 -23.63 29.00
N THR B 281 10.47 -24.13 28.15
CA THR B 281 10.12 -25.55 28.23
C THR B 281 10.46 -26.26 26.94
N SER B 282 10.80 -27.54 27.05
CA SER B 282 11.04 -28.37 25.89
C SER B 282 9.79 -28.53 25.02
N THR B 283 8.61 -28.57 25.64
CA THR B 283 7.39 -28.69 24.85
C THR B 283 7.17 -27.51 23.89
N GLN B 284 7.40 -26.28 24.36
CA GLN B 284 7.36 -25.10 23.48
C GLN B 284 8.42 -25.17 22.39
N ARG B 285 9.66 -25.46 22.79
CA ARG B 285 10.80 -25.63 21.89
C ARG B 285 10.52 -26.60 20.75
N ASP B 286 10.04 -27.79 21.12
CA ASP B 286 9.75 -28.86 20.16
C ASP B 286 8.54 -28.60 19.25
N ASP B 287 7.46 -28.05 19.82
CA ASP B 287 6.25 -27.68 19.06
C ASP B 287 6.56 -26.80 17.85
N LEU B 288 7.31 -25.74 18.09
CA LEU B 288 7.58 -24.80 17.02
C LEU B 288 8.73 -25.25 16.11
N ALA B 289 9.70 -25.96 16.66
CA ALA B 289 10.84 -26.44 15.86
C ALA B 289 10.39 -27.34 14.72
N ALA B 290 9.27 -28.06 14.91
CA ALA B 290 8.73 -28.92 13.86
C ALA B 290 8.39 -28.17 12.57
N PHE B 291 8.05 -26.88 12.67
CA PHE B 291 7.78 -26.09 11.47
C PHE B 291 8.94 -25.96 10.49
N PHE B 292 10.17 -26.07 10.97
CA PHE B 292 11.31 -26.11 10.02
C PHE B 292 11.35 -27.35 9.13
N SER B 293 10.57 -28.39 9.47
CA SER B 293 10.42 -29.57 8.60
C SER B 293 9.68 -29.30 7.30
N TYR B 294 8.97 -28.17 7.25
CA TYR B 294 8.31 -27.70 6.05
C TYR B 294 9.29 -27.60 4.87
N PHE B 295 10.54 -27.27 5.15
CA PHE B 295 11.55 -27.10 4.10
C PHE B 295 12.32 -28.37 3.78
N ASP B 296 12.02 -29.45 4.51
CA ASP B 296 12.72 -30.72 4.29
C ASP B 296 12.07 -31.50 3.17
N THR B 297 10.86 -31.11 2.82
CA THR B 297 10.12 -31.73 1.73
C THR B 297 9.98 -30.73 0.58
N GLU B 298 9.68 -31.24 -0.61
CA GLU B 298 9.35 -30.41 -1.77
C GLU B 298 7.84 -30.17 -1.83
N ARG B 299 7.42 -29.19 -2.63
CA ARG B 299 6.00 -28.86 -2.86
C ARG B 299 5.79 -28.05 -4.15
N SER C 2 30.12 -14.88 -8.64
CA SER C 2 29.90 -13.93 -9.78
C SER C 2 31.11 -13.89 -10.71
N LEU C 3 32.28 -13.54 -10.18
CA LEU C 3 33.52 -13.45 -10.97
C LEU C 3 34.07 -14.83 -11.32
N ILE C 4 33.93 -15.77 -10.39
CA ILE C 4 34.32 -17.17 -10.62
C ILE C 4 33.25 -17.84 -11.51
N ASN C 5 32.01 -17.42 -11.36
CA ASN C 5 30.90 -17.80 -12.23
C ASN C 5 31.12 -17.30 -13.66
N ALA C 6 31.59 -16.05 -13.79
CA ALA C 6 31.82 -15.44 -15.11
C ALA C 6 32.87 -16.23 -15.88
N ARG C 7 33.90 -16.66 -15.16
CA ARG C 7 35.02 -17.42 -15.67
C ARG C 7 34.57 -18.76 -16.27
N LEU C 8 33.65 -19.45 -15.61
CA LEU C 8 33.17 -20.73 -16.12
C LEU C 8 32.30 -20.51 -17.35
N ILE C 9 31.43 -19.51 -17.28
CA ILE C 9 30.51 -19.24 -18.40
C ILE C 9 31.28 -18.80 -19.65
N ALA C 10 32.32 -18.00 -19.45
CA ALA C 10 33.21 -17.61 -20.54
C ALA C 10 33.94 -18.84 -21.17
N PHE C 11 34.42 -19.75 -20.32
CA PHE C 11 35.06 -20.99 -20.78
C PHE C 11 34.06 -21.84 -21.60
N GLU C 12 32.82 -22.00 -21.11
CA GLU C 12 31.78 -22.76 -21.83
C GLU C 12 31.43 -22.10 -23.15
N ASP C 13 31.36 -20.76 -23.13
CA ASP C 13 30.99 -19.99 -24.31
C ASP C 13 32.01 -20.15 -25.43
N GLN C 14 33.28 -20.23 -25.08
CA GLN C 14 34.33 -20.42 -26.09
C GLN C 14 34.34 -21.88 -26.59
N TRP C 15 34.35 -22.80 -25.63
CA TRP C 15 34.67 -24.19 -25.92
C TRP C 15 33.53 -25.05 -26.42
N VAL C 16 32.32 -24.84 -25.90
CA VAL C 16 31.18 -25.64 -26.36
C VAL C 16 30.96 -25.58 -27.89
N PRO C 17 30.89 -24.36 -28.49
CA PRO C 17 30.80 -24.32 -29.95
C PRO C 17 32.01 -24.94 -30.68
N ALA C 18 33.21 -24.79 -30.12
CA ALA C 18 34.45 -25.34 -30.72
C ALA C 18 34.38 -26.88 -30.70
N LEU C 19 33.93 -27.43 -29.58
CA LEU C 19 33.81 -28.89 -29.44
C LEU C 19 32.72 -29.46 -30.32
N ASN C 20 31.62 -28.72 -30.48
CA ASN C 20 30.49 -29.18 -31.27
C ASN C 20 30.70 -29.11 -32.76
N ALA C 21 31.47 -28.11 -33.20
CA ALA C 21 31.56 -27.82 -34.63
C ALA C 21 31.92 -29.00 -35.57
N PRO C 22 32.93 -29.84 -35.23
CA PRO C 22 33.27 -30.92 -36.19
C PRO C 22 32.40 -32.21 -36.03
N LEU C 23 31.43 -32.19 -35.11
CA LEU C 23 30.70 -33.45 -34.76
C LEU C 23 29.94 -34.11 -35.92
N LYS C 24 29.06 -33.36 -36.60
CA LYS C 24 28.23 -33.94 -37.64
C LYS C 24 29.08 -34.55 -38.75
N GLN C 25 30.10 -33.80 -39.21
CA GLN C 25 31.00 -34.25 -40.29
C GLN C 25 31.77 -35.53 -39.91
N ALA C 26 32.30 -35.56 -38.69
CA ALA C 26 33.10 -36.72 -38.18
C ALA C 26 32.26 -38.00 -38.05
N ILE C 27 31.06 -37.87 -37.50
CA ILE C 27 30.17 -39.04 -37.29
C ILE C 27 29.77 -39.59 -38.67
N LEU C 28 29.39 -38.70 -39.57
CA LEU C 28 29.09 -39.13 -40.94
C LEU C 28 30.27 -39.78 -41.65
N ALA C 29 31.47 -39.17 -41.56
CA ALA C 29 32.70 -39.76 -42.14
C ALA C 29 32.93 -41.19 -41.66
N ASP C 30 32.60 -41.44 -40.39
CA ASP C 30 33.01 -42.70 -39.77
C ASP C 30 31.84 -43.69 -39.77
N SER C 31 30.78 -43.37 -40.53
CA SER C 31 29.63 -44.30 -40.66
C SER C 31 29.47 -44.81 -42.10
N GLN C 32 28.87 -45.99 -42.25
CA GLN C 32 28.53 -46.52 -43.57
C GLN C 32 27.05 -46.91 -43.69
N ASP C 33 26.20 -46.31 -42.87
CA ASP C 33 24.76 -46.42 -43.04
C ASP C 33 24.10 -45.09 -42.71
N ALA C 34 23.32 -44.59 -43.66
CA ALA C 34 22.71 -43.25 -43.57
C ALA C 34 21.81 -43.07 -42.35
N GLN C 35 20.92 -44.03 -42.13
CA GLN C 35 19.95 -43.94 -41.05
C GLN C 35 20.63 -44.05 -39.68
N LEU C 36 21.65 -44.91 -39.59
CA LEU C 36 22.36 -45.09 -38.36
C LEU C 36 23.11 -43.80 -38.04
N ALA C 37 23.75 -43.22 -39.05
CA ALA C 37 24.48 -41.97 -38.85
C ALA C 37 23.50 -40.89 -38.37
N ALA C 38 22.32 -40.84 -38.98
CA ALA C 38 21.29 -39.88 -38.58
C ALA C 38 20.83 -40.06 -37.12
N ALA C 39 20.53 -41.30 -36.72
CA ALA C 39 20.15 -41.62 -35.33
C ALA C 39 21.21 -41.25 -34.30
N MET C 40 22.47 -41.52 -34.62
CA MET C 40 23.57 -41.24 -33.70
C MET C 40 23.74 -39.73 -33.62
N THR C 41 23.70 -39.06 -34.77
CA THR C 41 23.89 -37.60 -34.78
C THR C 41 22.73 -36.86 -34.09
N TYR C 42 21.50 -37.38 -34.27
CA TYR C 42 20.34 -36.81 -33.59
C TYR C 42 20.54 -36.67 -32.07
N SER C 43 21.02 -37.74 -31.45
CA SER C 43 21.21 -37.73 -30.02
C SER C 43 22.43 -36.98 -29.55
N VAL C 44 23.51 -37.05 -30.33
CA VAL C 44 24.74 -36.30 -29.98
C VAL C 44 24.46 -34.80 -30.03
N LEU C 45 23.78 -34.37 -31.08
CA LEU C 45 23.50 -32.94 -31.28
C LEU C 45 22.20 -32.45 -30.61
N ALA C 46 21.79 -33.09 -29.53
CA ALA C 46 20.58 -32.70 -28.82
C ALA C 46 20.86 -31.71 -27.69
N GLY C 47 21.83 -30.82 -27.92
CA GLY C 47 22.09 -29.67 -27.04
C GLY C 47 22.68 -29.92 -25.67
N GLY C 48 23.43 -31.00 -25.50
CA GLY C 48 24.13 -31.25 -24.24
C GLY C 48 25.16 -30.18 -23.90
N LYS C 49 25.38 -29.97 -22.59
CA LYS C 49 26.34 -28.98 -22.06
C LYS C 49 27.82 -29.34 -22.21
N ARG C 50 28.10 -30.60 -22.56
CA ARG C 50 29.47 -31.08 -22.77
C ARG C 50 30.34 -30.94 -21.54
N LEU C 51 29.75 -31.02 -20.35
CA LEU C 51 30.53 -30.90 -19.11
C LEU C 51 31.73 -31.84 -19.07
N ARG C 52 31.54 -33.09 -19.50
CA ARG C 52 32.61 -34.05 -19.43
C ARG C 52 33.85 -33.75 -20.30
N PRO C 53 33.70 -33.53 -21.62
CA PRO C 53 34.92 -33.10 -22.37
C PRO C 53 35.40 -31.71 -21.95
N LEU C 54 34.53 -30.83 -21.47
CA LEU C 54 35.03 -29.54 -20.90
C LEU C 54 36.00 -29.75 -19.72
N LEU C 55 35.69 -30.72 -18.85
CA LEU C 55 36.58 -31.04 -17.75
CA LEU C 55 36.58 -31.09 -17.74
C LEU C 55 37.92 -31.54 -18.27
N THR C 56 37.88 -32.37 -19.33
CA THR C 56 39.13 -32.83 -19.92
C THR C 56 39.98 -31.65 -20.44
N VAL C 57 39.35 -30.76 -21.18
CA VAL C 57 40.07 -29.61 -21.77
C VAL C 57 40.61 -28.72 -20.67
N ALA C 58 39.79 -28.46 -19.65
CA ALA C 58 40.23 -27.59 -18.55
C ALA C 58 41.41 -28.18 -17.81
N THR C 59 41.41 -29.50 -17.64
CA THR C 59 42.51 -30.18 -17.00
C THR C 59 43.79 -30.03 -17.83
N MET C 60 43.69 -30.26 -19.13
CA MET C 60 44.85 -30.12 -20.04
C MET C 60 45.42 -28.70 -19.89
N GLN C 61 44.53 -27.71 -19.94
CA GLN C 61 44.92 -26.29 -19.89
C GLN C 61 45.58 -25.94 -18.57
N SER C 62 45.06 -26.49 -17.48
CA SER C 62 45.67 -26.25 -16.17
C SER C 62 47.09 -26.78 -16.07
N LEU C 63 47.42 -27.76 -16.92
CA LEU C 63 48.74 -28.34 -16.95
C LEU C 63 49.64 -27.67 -17.98
N GLY C 64 49.16 -26.59 -18.61
CA GLY C 64 49.93 -25.88 -19.62
C GLY C 64 50.06 -26.56 -20.98
N VAL C 65 49.14 -27.48 -21.28
CA VAL C 65 49.22 -28.23 -22.52
C VAL C 65 48.16 -27.68 -23.48
N THR C 66 48.61 -27.23 -24.65
CA THR C 66 47.69 -26.67 -25.65
C THR C 66 46.87 -27.76 -26.38
N PHE C 67 45.56 -27.52 -26.46
CA PHE C 67 44.67 -28.35 -27.27
C PHE C 67 44.98 -28.13 -28.75
N VAL C 68 45.37 -29.20 -29.43
CA VAL C 68 45.62 -29.19 -30.88
C VAL C 68 44.50 -30.01 -31.54
N PRO C 69 43.61 -29.34 -32.29
CA PRO C 69 42.36 -29.98 -32.78
C PRO C 69 42.60 -31.30 -33.52
N GLU C 70 43.56 -31.31 -34.43
CA GLU C 70 43.90 -32.51 -35.21
C GLU C 70 44.39 -33.69 -34.37
N ARG C 71 44.93 -33.40 -33.19
CA ARG C 71 45.39 -34.45 -32.29
C ARG C 71 44.40 -34.79 -31.19
N HIS C 72 43.70 -33.78 -30.67
CA HIS C 72 43.00 -33.96 -29.41
C HIS C 72 41.48 -33.99 -29.51
N TRP C 73 40.93 -33.41 -30.58
CA TRP C 73 39.48 -33.30 -30.68
C TRP C 73 38.79 -34.68 -30.62
N ARG C 74 39.20 -35.60 -31.47
CA ARG C 74 38.56 -36.94 -31.46
C ARG C 74 38.71 -37.63 -30.09
N PRO C 75 39.94 -37.71 -29.54
CA PRO C 75 40.06 -38.37 -28.24
C PRO C 75 39.28 -37.68 -27.12
N VAL C 76 39.27 -36.35 -27.10
CA VAL C 76 38.46 -35.64 -26.09
C VAL C 76 36.95 -35.88 -26.28
N MET C 77 36.45 -35.85 -27.52
CA MET C 77 35.01 -36.03 -27.76
C MET C 77 34.53 -37.50 -27.70
N ALA C 78 35.45 -38.45 -27.69
CA ALA C 78 35.07 -39.86 -27.53
C ALA C 78 34.20 -40.04 -26.28
N LEU C 79 34.58 -39.28 -25.24
CA LEU C 79 33.85 -39.31 -23.96
C LEU C 79 32.42 -38.86 -24.14
N GLU C 80 32.23 -37.85 -24.97
CA GLU C 80 30.90 -37.35 -25.19
C GLU C 80 30.06 -38.32 -26.01
N LEU C 81 30.68 -39.04 -26.95
CA LEU C 81 29.96 -40.11 -27.67
C LEU C 81 29.49 -41.15 -26.69
N LEU C 82 30.37 -41.52 -25.76
CA LEU C 82 30.00 -42.61 -24.84
C LEU C 82 28.91 -42.10 -23.89
N HIS C 83 29.08 -40.88 -23.37
CA HIS C 83 28.00 -40.29 -22.55
C HIS C 83 26.63 -40.30 -23.30
N THR C 84 26.63 -39.91 -24.57
CA THR C 84 25.41 -39.91 -25.39
C THR C 84 24.81 -41.31 -25.52
N TYR C 85 25.66 -42.30 -25.77
CA TYR C 85 25.14 -43.67 -25.90
C TYR C 85 24.40 -44.04 -24.61
N SER C 86 24.96 -43.66 -23.47
CA SER C 86 24.37 -44.06 -22.19
C SER C 86 22.96 -43.47 -22.02
N LEU C 87 22.75 -42.22 -22.48
CA LEU C 87 21.42 -41.61 -22.46
C LEU C 87 20.44 -42.31 -23.41
N ILE C 88 20.92 -42.70 -24.60
CA ILE C 88 20.06 -43.35 -25.59
C ILE C 88 19.56 -44.64 -25.00
N HIS C 89 20.47 -45.41 -24.40
CA HIS C 89 20.08 -46.70 -23.82
C HIS C 89 19.20 -46.57 -22.57
N ASP C 90 19.49 -45.57 -21.74
CA ASP C 90 18.66 -45.30 -20.54
CA ASP C 90 18.67 -45.30 -20.54
C ASP C 90 17.19 -45.02 -20.88
N ASP C 91 16.98 -44.31 -21.99
CA ASP C 91 15.62 -43.95 -22.42
C ASP C 91 14.79 -45.09 -23.02
N LEU C 92 15.43 -46.19 -23.40
CA LEU C 92 14.81 -47.28 -24.16
C LEU C 92 13.60 -47.89 -23.44
N PRO C 93 12.60 -48.40 -24.20
CA PRO C 93 11.46 -49.10 -23.58
C PRO C 93 11.87 -50.21 -22.59
N ALA C 94 12.93 -50.93 -22.90
CA ALA C 94 13.50 -51.95 -21.99
C ALA C 94 14.08 -51.40 -20.67
N MET C 95 14.39 -50.10 -20.65
CA MET C 95 15.03 -49.43 -19.52
C MET C 95 14.05 -48.45 -18.86
N ASP C 96 14.31 -47.14 -18.97
CA ASP C 96 13.44 -46.14 -18.31
C ASP C 96 12.13 -45.87 -19.05
N ASN C 97 12.10 -46.21 -20.34
CA ASN C 97 10.94 -46.01 -21.21
C ASN C 97 10.47 -44.54 -21.22
N ASP C 98 11.38 -43.64 -21.58
CA ASP C 98 11.09 -42.20 -21.66
C ASP C 98 10.75 -41.78 -23.08
N ALA C 99 9.68 -41.01 -23.21
CA ALA C 99 9.27 -40.45 -24.51
C ALA C 99 9.96 -39.11 -24.81
N LEU C 100 10.36 -38.39 -23.77
CA LEU C 100 10.97 -37.08 -23.92
C LEU C 100 12.24 -36.96 -23.10
N ARG C 101 13.11 -36.06 -23.52
CA ARG C 101 14.32 -35.68 -22.79
C ARG C 101 14.64 -34.26 -23.22
N ARG C 102 14.79 -33.36 -22.24
CA ARG C 102 14.95 -31.91 -22.47
C ARG C 102 13.81 -31.35 -23.35
N GLY C 103 12.60 -31.91 -23.17
CA GLY C 103 11.41 -31.49 -23.92
C GLY C 103 11.36 -31.88 -25.39
N GLU C 104 12.25 -32.80 -25.81
CA GLU C 104 12.34 -33.24 -27.21
C GLU C 104 12.25 -34.78 -27.33
N PRO C 105 11.68 -35.32 -28.44
CA PRO C 105 11.51 -36.79 -28.57
C PRO C 105 12.81 -37.57 -28.33
N THR C 106 12.70 -38.69 -27.60
CA THR C 106 13.89 -39.50 -27.34
C THR C 106 14.28 -40.25 -28.61
N ASN C 107 15.50 -40.78 -28.67
CA ASN C 107 15.95 -41.48 -29.86
C ASN C 107 15.02 -42.59 -30.35
N HIS C 108 14.49 -43.43 -29.45
CA HIS C 108 13.63 -44.53 -29.90
C HIS C 108 12.23 -44.08 -30.37
N VAL C 109 11.80 -42.91 -29.94
CA VAL C 109 10.54 -42.37 -30.43
C VAL C 109 10.71 -42.00 -31.91
N LYS C 110 11.83 -41.36 -32.22
CA LYS C 110 12.07 -40.87 -33.56
C LYS C 110 12.51 -41.97 -34.53
N PHE C 111 13.28 -42.96 -34.05
CA PHE C 111 13.93 -43.94 -34.92
C PHE C 111 13.51 -45.39 -34.71
N GLY C 112 12.68 -45.64 -33.70
CA GLY C 112 12.35 -47.00 -33.31
C GLY C 112 13.35 -47.53 -32.29
N ALA C 113 12.89 -48.44 -31.43
CA ALA C 113 13.72 -49.03 -30.38
C ALA C 113 14.92 -49.84 -30.90
N GLY C 114 14.75 -50.53 -32.02
CA GLY C 114 15.84 -51.29 -32.65
C GLY C 114 16.96 -50.36 -33.08
N MET C 115 16.62 -49.34 -33.86
CA MET C 115 17.64 -48.43 -34.37
C MET C 115 18.27 -47.63 -33.22
N ALA C 116 17.48 -47.25 -32.22
CA ALA C 116 18.02 -46.62 -31.01
C ALA C 116 19.06 -47.48 -30.29
N THR C 117 18.77 -48.77 -30.12
CA THR C 117 19.71 -49.67 -29.46
C THR C 117 21.02 -49.70 -30.25
N LEU C 118 20.92 -49.82 -31.57
CA LEU C 118 22.11 -49.82 -32.43
C LEU C 118 22.84 -48.47 -32.42
N ALA C 119 22.09 -47.38 -32.36
CA ALA C 119 22.74 -46.05 -32.32
C ALA C 119 23.63 -45.93 -31.07
N GLY C 120 23.13 -46.40 -29.92
CA GLY C 120 23.92 -46.46 -28.70
C GLY C 120 25.15 -47.36 -28.86
N ASP C 121 24.95 -48.55 -29.42
CA ASP C 121 26.04 -49.51 -29.67
C ASP C 121 27.12 -48.92 -30.60
N GLY C 122 26.66 -48.21 -31.64
CA GLY C 122 27.55 -47.50 -32.60
C GLY C 122 28.36 -46.39 -31.94
N LEU C 123 27.74 -45.59 -31.08
CA LEU C 123 28.47 -44.53 -30.38
C LEU C 123 29.48 -45.08 -29.37
N LEU C 124 29.10 -46.14 -28.63
CA LEU C 124 30.02 -46.74 -27.67
C LEU C 124 31.26 -47.24 -28.40
N THR C 125 31.04 -47.88 -29.56
CA THR C 125 32.12 -48.48 -30.30
C THR C 125 32.98 -47.37 -30.91
N LEU C 126 32.29 -46.39 -31.48
CA LEU C 126 32.95 -45.28 -32.15
C LEU C 126 33.84 -44.48 -31.18
N ALA C 127 33.44 -44.34 -29.93
CA ALA C 127 34.31 -43.75 -28.90
C ALA C 127 35.74 -44.33 -28.90
N PHE C 128 35.83 -45.67 -28.95
CA PHE C 128 37.14 -46.31 -28.93
C PHE C 128 37.94 -46.10 -30.21
N GLN C 129 37.24 -45.99 -31.34
CA GLN C 129 37.93 -45.67 -32.60
C GLN C 129 38.50 -44.25 -32.49
N TRP C 130 37.71 -43.35 -31.93
CA TRP C 130 38.17 -41.93 -31.80
C TRP C 130 39.35 -41.75 -30.85
N LEU C 131 39.40 -42.53 -29.76
CA LEU C 131 40.58 -42.49 -28.85
C LEU C 131 41.88 -42.85 -29.57
N THR C 132 41.79 -43.70 -30.58
CA THR C 132 42.97 -44.27 -31.22
C THR C 132 43.17 -43.80 -32.67
N ALA C 133 42.46 -42.74 -33.04
CA ALA C 133 42.37 -42.30 -34.42
C ALA C 133 43.42 -41.27 -34.80
N THR C 134 44.06 -40.66 -33.82
CA THR C 134 44.89 -39.50 -34.13
C THR C 134 46.37 -39.77 -33.87
N ASP C 135 47.20 -38.77 -34.15
CA ASP C 135 48.67 -38.84 -33.98
C ASP C 135 49.05 -38.53 -32.53
N LEU C 136 48.66 -39.42 -31.62
CA LEU C 136 49.07 -39.33 -30.25
C LEU C 136 49.97 -40.53 -29.99
N PRO C 137 50.91 -40.40 -29.04
CA PRO C 137 51.72 -41.54 -28.63
C PRO C 137 50.83 -42.71 -28.27
N ALA C 138 51.21 -43.89 -28.75
CA ALA C 138 50.46 -45.11 -28.47
C ALA C 138 50.30 -45.39 -26.97
N THR C 139 51.31 -45.06 -26.16
CA THR C 139 51.19 -45.13 -24.68
C THR C 139 49.98 -44.35 -24.16
N MET C 140 49.79 -43.12 -24.64
CA MET C 140 48.63 -42.28 -24.28
C MET C 140 47.32 -42.90 -24.77
N GLN C 141 47.34 -43.35 -26.02
CA GLN C 141 46.13 -43.95 -26.64
C GLN C 141 45.67 -45.16 -25.84
N ALA C 142 46.60 -46.06 -25.53
CA ALA C 142 46.24 -47.31 -24.80
C ALA C 142 45.79 -47.00 -23.36
N ALA C 143 46.45 -46.01 -22.73
CA ALA C 143 46.03 -45.58 -21.38
C ALA C 143 44.60 -45.00 -21.38
N LEU C 144 44.27 -44.15 -22.35
CA LEU C 144 42.91 -43.63 -22.48
C LEU C 144 41.90 -44.75 -22.66
N VAL C 145 42.23 -45.72 -23.54
CA VAL C 145 41.30 -46.83 -23.80
C VAL C 145 41.04 -47.61 -22.51
N GLN C 146 42.12 -48.00 -21.84
CA GLN C 146 42.02 -48.78 -20.60
C GLN C 146 41.21 -48.02 -19.55
N ALA C 147 41.51 -46.74 -19.37
CA ALA C 147 40.78 -45.89 -18.39
C ALA C 147 39.28 -45.73 -18.73
N LEU C 148 38.98 -45.46 -19.99
CA LEU C 148 37.60 -45.26 -20.42
C LEU C 148 36.78 -46.55 -20.30
N ALA C 149 37.35 -47.66 -20.77
CA ALA C 149 36.59 -48.92 -20.70
C ALA C 149 36.35 -49.32 -19.24
N THR C 150 37.35 -49.07 -18.40
CA THR C 150 37.21 -49.38 -16.95
C THR C 150 36.10 -48.53 -16.32
N ALA C 151 36.13 -47.23 -16.62
CA ALA C 151 35.06 -46.31 -16.17
C ALA C 151 33.67 -46.67 -16.67
N ALA C 152 33.57 -47.11 -17.93
CA ALA C 152 32.28 -47.21 -18.59
C ALA C 152 31.67 -48.59 -18.44
N GLY C 153 32.49 -49.57 -18.09
CA GLY C 153 32.11 -50.99 -18.28
C GLY C 153 31.39 -51.60 -17.09
N PRO C 154 31.46 -52.94 -16.95
CA PRO C 154 30.72 -53.67 -15.92
C PRO C 154 31.28 -53.57 -14.47
N SER C 155 32.37 -52.80 -14.28
CA SER C 155 32.79 -52.36 -12.94
C SER C 155 32.54 -50.86 -12.71
N GLY C 156 32.04 -50.18 -13.73
CA GLY C 156 31.75 -48.77 -13.64
C GLY C 156 30.31 -48.49 -14.08
N MET C 157 30.15 -47.67 -15.11
CA MET C 157 28.83 -47.15 -15.50
C MET C 157 27.74 -48.22 -15.68
N VAL C 158 28.05 -49.29 -16.40
CA VAL C 158 27.07 -50.34 -16.68
C VAL C 158 26.70 -51.08 -15.37
N ALA C 159 27.68 -51.28 -14.48
CA ALA C 159 27.39 -51.84 -13.15
C ALA C 159 26.42 -50.91 -12.39
N GLY C 160 26.65 -49.61 -12.48
CA GLY C 160 25.75 -48.66 -11.86
C GLY C 160 24.34 -48.71 -12.41
N GLN C 161 24.22 -48.81 -13.73
CA GLN C 161 22.93 -48.92 -14.38
C GLN C 161 22.24 -50.22 -13.98
N ALA C 162 23.02 -51.30 -13.88
CA ALA C 162 22.46 -52.61 -13.49
C ALA C 162 21.90 -52.53 -12.07
N LYS C 163 22.62 -51.84 -11.18
CA LYS C 163 22.19 -51.71 -9.78
CA LYS C 163 22.20 -51.70 -9.77
C LYS C 163 20.92 -50.86 -9.68
N ASP C 164 20.86 -49.83 -10.51
CA ASP C 164 19.66 -48.99 -10.61
C ASP C 164 18.40 -49.78 -11.01
N ILE C 165 18.49 -50.61 -12.06
CA ILE C 165 17.38 -51.50 -12.50
C ILE C 165 16.93 -52.39 -11.35
N GLN C 166 17.89 -53.00 -10.67
CA GLN C 166 17.56 -53.96 -9.60
C GLN C 166 17.02 -53.30 -8.32
N SER C 167 17.20 -51.99 -8.21
CA SER C 167 16.82 -51.26 -6.99
CA SER C 167 16.81 -51.29 -6.98
C SER C 167 15.56 -50.43 -7.18
N GLU C 168 14.89 -50.58 -8.32
CA GLU C 168 13.70 -49.77 -8.63
C GLU C 168 12.59 -49.87 -7.55
N HIS C 169 12.46 -51.03 -6.93
CA HIS C 169 11.45 -51.20 -5.88
C HIS C 169 12.05 -51.45 -4.49
N VAL C 170 13.32 -51.06 -4.30
CA VAL C 170 13.98 -51.26 -3.02
C VAL C 170 14.59 -49.97 -2.54
N ASN C 171 14.19 -49.55 -1.34
CA ASN C 171 14.79 -48.42 -0.64
CA ASN C 171 14.80 -48.41 -0.68
C ASN C 171 16.20 -48.76 -0.17
N LEU C 172 17.22 -48.28 -0.88
CA LEU C 172 18.58 -48.61 -0.49
C LEU C 172 19.04 -47.79 0.69
N PRO C 173 19.98 -48.33 1.50
CA PRO C 173 20.62 -47.46 2.48
C PRO C 173 21.61 -46.54 1.73
N LEU C 174 21.94 -45.42 2.36
CA LEU C 174 22.85 -44.46 1.73
C LEU C 174 24.19 -45.07 1.31
N SER C 175 24.74 -46.00 2.11
CA SER C 175 26.00 -46.65 1.81
C SER C 175 25.98 -47.37 0.45
N GLN C 176 24.89 -48.06 0.15
CA GLN C 176 24.75 -48.72 -1.17
C GLN C 176 24.43 -47.73 -2.28
N LEU C 177 23.65 -46.70 -1.96
CA LEU C 177 23.36 -45.64 -2.93
C LEU C 177 24.66 -44.93 -3.36
N ARG C 178 25.60 -44.73 -2.43
CA ARG C 178 26.92 -44.13 -2.76
C ARG C 178 27.71 -44.92 -3.82
N VAL C 179 27.67 -46.25 -3.69
CA VAL C 179 28.40 -47.14 -4.56
C VAL C 179 27.75 -47.09 -5.96
N LEU C 180 26.42 -47.12 -5.96
CA LEU C 180 25.63 -47.05 -7.18
C LEU C 180 25.97 -45.77 -7.94
N HIS C 181 25.97 -44.66 -7.21
CA HIS C 181 26.26 -43.35 -7.82
C HIS C 181 27.69 -43.27 -8.33
N LYS C 182 28.65 -43.80 -7.55
CA LYS C 182 30.07 -43.78 -7.92
CA LYS C 182 30.06 -43.74 -7.93
C LYS C 182 30.29 -44.47 -9.26
N GLU C 183 29.55 -45.54 -9.46
CA GLU C 183 29.59 -46.30 -10.70
C GLU C 183 28.83 -45.58 -11.81
N LYS C 184 27.56 -45.23 -11.56
CA LYS C 184 26.65 -44.83 -12.60
C LYS C 184 27.02 -43.47 -13.19
N THR C 185 27.46 -42.56 -12.32
CA THR C 185 27.83 -41.20 -12.76
C THR C 185 29.23 -40.76 -12.35
N GLY C 186 29.75 -41.25 -11.22
CA GLY C 186 31.07 -40.78 -10.76
C GLY C 186 32.19 -41.20 -11.69
N ALA C 187 32.10 -42.43 -12.19
CA ALA C 187 33.21 -43.00 -12.98
C ALA C 187 33.61 -42.18 -14.24
N LEU C 188 32.62 -41.73 -15.02
CA LEU C 188 32.91 -40.99 -16.26
C LEU C 188 33.45 -39.60 -15.92
N LEU C 189 33.00 -39.05 -14.79
CA LEU C 189 33.53 -37.75 -14.36
C LEU C 189 34.95 -37.86 -13.81
N HIS C 190 35.23 -38.97 -13.15
CA HIS C 190 36.59 -39.29 -12.73
C HIS C 190 37.45 -39.39 -13.99
N TYR C 191 36.96 -40.14 -14.97
CA TYR C 191 37.69 -40.39 -16.22
C TYR C 191 37.95 -39.06 -16.93
N ALA C 192 36.96 -38.18 -16.94
CA ALA C 192 37.07 -36.89 -17.69
C ALA C 192 38.31 -36.11 -17.25
N VAL C 193 38.55 -36.08 -15.94
CA VAL C 193 39.76 -35.45 -15.44
C VAL C 193 40.99 -36.32 -15.69
N GLN C 194 40.89 -37.62 -15.43
CA GLN C 194 42.01 -38.53 -15.70
C GLN C 194 42.52 -38.46 -17.17
N ALA C 195 41.58 -38.35 -18.11
CA ALA C 195 41.88 -38.20 -19.53
C ALA C 195 42.78 -36.94 -19.74
N GLY C 196 42.47 -35.85 -19.04
CA GLY C 196 43.32 -34.64 -19.08
C GLY C 196 44.72 -34.84 -18.48
N LEU C 197 44.80 -35.60 -17.40
CA LEU C 197 46.10 -35.95 -16.79
C LEU C 197 46.96 -36.76 -17.75
N ILE C 198 46.31 -37.68 -18.49
CA ILE C 198 47.01 -38.52 -19.48
C ILE C 198 47.48 -37.65 -20.65
N LEU C 199 46.55 -36.88 -21.21
CA LEU C 199 46.88 -36.07 -22.40
C LEU C 199 47.84 -34.94 -22.05
N GLY C 200 47.73 -34.46 -20.82
CA GLY C 200 48.59 -33.37 -20.39
C GLY C 200 49.86 -33.79 -19.67
N GLN C 201 50.06 -35.11 -19.54
CA GLN C 201 51.25 -35.70 -18.88
C GLN C 201 51.52 -35.10 -17.50
N ALA C 202 50.50 -35.12 -16.66
CA ALA C 202 50.54 -34.54 -15.34
C ALA C 202 51.63 -35.23 -14.51
N PRO C 203 52.45 -34.42 -13.80
CA PRO C 203 53.44 -34.94 -12.82
C PRO C 203 52.72 -35.87 -11.84
N GLU C 204 53.37 -37.00 -11.54
CA GLU C 204 52.73 -38.07 -10.79
C GLU C 204 52.22 -37.63 -9.42
N ALA C 205 52.94 -36.70 -8.78
CA ALA C 205 52.62 -36.26 -7.43
C ALA C 205 51.30 -35.47 -7.37
N GLN C 206 50.88 -34.94 -8.51
CA GLN C 206 49.66 -34.15 -8.61
C GLN C 206 48.40 -34.96 -8.91
N TRP C 207 48.56 -36.22 -9.36
CA TRP C 207 47.40 -37.07 -9.68
C TRP C 207 46.37 -37.21 -8.55
N PRO C 208 46.82 -37.52 -7.31
CA PRO C 208 45.81 -37.62 -6.24
C PRO C 208 44.94 -36.39 -6.03
N ALA C 209 45.52 -35.18 -6.04
CA ALA C 209 44.74 -33.96 -5.86
C ALA C 209 43.72 -33.73 -7.00
N TYR C 210 44.17 -33.90 -8.24
CA TYR C 210 43.27 -33.81 -9.38
C TYR C 210 42.14 -34.84 -9.29
N LEU C 211 42.47 -36.06 -8.89
CA LEU C 211 41.45 -37.11 -8.88
C LEU C 211 40.51 -37.05 -7.65
N GLN C 212 41.01 -36.55 -6.52
CA GLN C 212 40.15 -36.20 -5.39
C GLN C 212 39.11 -35.14 -5.73
N PHE C 213 39.58 -34.10 -6.43
CA PHE C 213 38.70 -33.09 -7.03
C PHE C 213 37.66 -33.75 -7.95
N ALA C 214 38.12 -34.61 -8.88
CA ALA C 214 37.20 -35.24 -9.84
C ALA C 214 36.15 -36.08 -9.12
N ASP C 215 36.58 -36.78 -8.08
CA ASP C 215 35.64 -37.61 -7.31
C ASP C 215 34.59 -36.77 -6.55
N ALA C 216 35.05 -35.69 -5.93
CA ALA C 216 34.15 -34.76 -5.24
C ALA C 216 33.21 -34.08 -6.23
N PHE C 217 33.73 -33.68 -7.39
CA PHE C 217 32.88 -33.05 -8.38
C PHE C 217 31.81 -34.02 -8.89
N GLY C 218 32.22 -35.26 -9.16
CA GLY C 218 31.25 -36.30 -9.59
C GLY C 218 30.19 -36.61 -8.55
N LEU C 219 30.59 -36.63 -7.29
CA LEU C 219 29.64 -36.80 -6.16
C LEU C 219 28.69 -35.59 -6.06
N ALA C 220 29.25 -34.38 -6.09
CA ALA C 220 28.44 -33.16 -6.09
C ALA C 220 27.44 -33.15 -7.25
N PHE C 221 27.91 -33.49 -8.45
CA PHE C 221 27.06 -33.55 -9.62
C PHE C 221 25.85 -34.43 -9.36
N GLN C 222 26.08 -35.60 -8.80
CA GLN C 222 24.95 -36.49 -8.54
C GLN C 222 24.00 -35.99 -7.44
N ILE C 223 24.54 -35.41 -6.37
CA ILE C 223 23.67 -34.87 -5.32
C ILE C 223 22.85 -33.73 -5.90
N TYR C 224 23.49 -32.87 -6.65
CA TYR C 224 22.80 -31.77 -7.33
C TYR C 224 21.69 -32.26 -8.28
N ASP C 225 21.99 -33.27 -9.10
CA ASP C 225 21.02 -33.87 -10.02
C ASP C 225 19.81 -34.42 -9.26
N ASP C 226 20.08 -35.11 -8.15
CA ASP C 226 19.03 -35.68 -7.27
C ASP C 226 18.10 -34.59 -6.74
N ILE C 227 18.71 -33.49 -6.29
CA ILE C 227 17.96 -32.34 -5.73
C ILE C 227 17.09 -31.71 -6.81
N LEU C 228 17.65 -31.48 -8.00
CA LEU C 228 16.86 -30.94 -9.11
C LEU C 228 15.70 -31.84 -9.50
N ASP C 229 15.96 -33.15 -9.56
CA ASP C 229 14.92 -34.08 -9.93
C ASP C 229 13.74 -34.07 -8.96
N VAL C 230 14.04 -34.11 -7.67
CA VAL C 230 13.04 -34.11 -6.62
C VAL C 230 12.23 -32.80 -6.63
N VAL C 231 12.92 -31.67 -6.76
CA VAL C 231 12.30 -30.33 -6.68
C VAL C 231 11.44 -30.00 -7.91
N SER C 232 11.84 -30.48 -9.08
CA SER C 232 11.07 -30.30 -10.32
C SER C 232 9.75 -31.08 -10.38
N SER C 233 9.71 -32.22 -9.70
CA SER C 233 8.49 -33.05 -9.66
C SER C 233 7.79 -32.96 -8.31
N ALA C 248 11.66 -41.55 -6.42
CA ALA C 248 12.40 -40.41 -5.86
C ALA C 248 12.99 -40.69 -4.46
N LYS C 249 12.87 -41.96 -4.06
CA LYS C 249 13.35 -42.49 -2.78
C LYS C 249 14.83 -42.89 -2.80
N ASN C 250 15.33 -43.41 -3.93
CA ASN C 250 16.77 -43.65 -4.07
C ASN C 250 17.50 -42.40 -4.57
N THR C 251 17.41 -41.36 -3.75
CA THR C 251 17.97 -40.04 -4.04
C THR C 251 18.49 -39.46 -2.72
N TYR C 252 19.38 -38.47 -2.82
CA TYR C 252 19.83 -37.81 -1.61
C TYR C 252 18.71 -37.18 -0.79
N PRO C 253 17.80 -36.42 -1.44
CA PRO C 253 16.67 -35.95 -0.63
C PRO C 253 15.82 -37.10 -0.04
N GLY C 254 15.70 -38.21 -0.75
CA GLY C 254 14.97 -39.40 -0.24
C GLY C 254 15.59 -39.98 1.03
N LYS C 255 16.91 -39.91 1.15
CA LYS C 255 17.59 -40.50 2.30
C LYS C 255 17.79 -39.47 3.42
N LEU C 256 17.99 -38.19 3.07
CA LEU C 256 18.42 -37.20 4.07
C LEU C 256 17.44 -36.07 4.31
N GLY C 257 16.41 -35.98 3.48
CA GLY C 257 15.54 -34.81 3.44
C GLY C 257 16.19 -33.75 2.55
N LEU C 258 15.40 -32.77 2.12
CA LEU C 258 15.91 -31.76 1.19
C LEU C 258 17.00 -30.89 1.81
N ILE C 259 16.83 -30.54 3.08
CA ILE C 259 17.86 -29.75 3.78
C ILE C 259 19.18 -30.51 3.94
N GLY C 260 19.10 -31.77 4.39
CA GLY C 260 20.26 -32.63 4.52
C GLY C 260 20.98 -32.86 3.19
N ALA C 261 20.22 -32.98 2.10
CA ALA C 261 20.83 -33.20 0.79
C ALA C 261 21.61 -31.95 0.34
N ASN C 262 21.04 -30.77 0.56
CA ASN C 262 21.77 -29.53 0.25
C ASN C 262 23.02 -29.35 1.10
N GLN C 263 22.94 -29.69 2.40
CA GLN C 263 24.13 -29.71 3.25
C GLN C 263 25.22 -30.68 2.72
N ALA C 264 24.78 -31.85 2.25
CA ALA C 264 25.71 -32.83 1.69
C ALA C 264 26.36 -32.30 0.41
N LEU C 265 25.57 -31.61 -0.42
CA LEU C 265 26.12 -30.95 -1.62
C LEU C 265 27.18 -29.90 -1.27
N ILE C 266 26.86 -29.02 -0.30
CA ILE C 266 27.78 -27.99 0.15
C ILE C 266 29.09 -28.58 0.71
N ASP C 267 28.94 -29.63 1.51
CA ASP C 267 30.11 -30.29 2.13
C ASP C 267 31.02 -30.89 1.07
N THR C 268 30.41 -31.48 0.07
CA THR C 268 31.15 -32.15 -1.01
C THR C 268 31.90 -31.11 -1.85
N ILE C 269 31.20 -30.04 -2.23
CA ILE C 269 31.87 -28.87 -2.87
C ILE C 269 33.09 -28.39 -2.10
N HIS C 270 32.91 -28.16 -0.80
CA HIS C 270 34.04 -27.80 0.05
C HIS C 270 35.17 -28.84 0.03
N SER C 271 34.85 -30.12 0.07
CA SER C 271 35.91 -31.13 0.03
C SER C 271 36.68 -31.09 -1.32
N GLY C 272 35.97 -30.80 -2.41
CA GLY C 272 36.60 -30.70 -3.73
C GLY C 272 37.49 -29.48 -3.83
N GLN C 273 37.05 -28.38 -3.21
CA GLN C 273 37.88 -27.17 -3.11
C GLN C 273 39.15 -27.42 -2.29
N ALA C 274 39.01 -28.12 -1.15
CA ALA C 274 40.16 -28.53 -0.34
C ALA C 274 41.13 -29.42 -1.12
N ALA C 275 40.61 -30.34 -1.95
CA ALA C 275 41.47 -31.21 -2.78
C ALA C 275 42.35 -30.39 -3.73
N LEU C 276 41.78 -29.34 -4.29
CA LEU C 276 42.47 -28.47 -5.23
C LEU C 276 43.59 -27.61 -4.62
N GLN C 277 43.51 -27.35 -3.32
CA GLN C 277 44.61 -26.70 -2.55
C GLN C 277 45.91 -27.50 -2.55
N GLY C 278 45.80 -28.81 -2.71
CA GLY C 278 46.95 -29.69 -2.90
C GLY C 278 47.76 -29.43 -4.16
N LEU C 279 47.22 -28.67 -5.11
CA LEU C 279 47.96 -28.39 -6.35
C LEU C 279 48.92 -27.24 -6.13
N PRO C 280 50.10 -27.25 -6.79
CA PRO C 280 51.18 -26.30 -6.43
C PRO C 280 51.00 -24.86 -6.89
N THR C 281 50.22 -24.64 -7.94
CA THR C 281 50.03 -23.28 -8.44
C THR C 281 48.59 -22.83 -8.30
N SER C 282 48.42 -21.52 -8.09
CA SER C 282 47.11 -20.90 -7.94
C SER C 282 46.32 -20.91 -9.23
N THR C 283 47.04 -20.83 -10.35
CA THR C 283 46.40 -20.88 -11.67
C THR C 283 45.73 -22.25 -11.91
N GLN C 284 46.39 -23.34 -11.50
CA GLN C 284 45.76 -24.68 -11.50
C GLN C 284 44.53 -24.74 -10.61
N ARG C 285 44.69 -24.27 -9.37
CA ARG C 285 43.62 -24.26 -8.35
C ARG C 285 42.40 -23.53 -8.88
N ASP C 286 42.62 -22.33 -9.41
CA ASP C 286 41.56 -21.47 -9.96
C ASP C 286 40.92 -22.05 -11.22
N ASP C 287 41.73 -22.68 -12.08
CA ASP C 287 41.23 -23.26 -13.33
C ASP C 287 40.11 -24.26 -13.06
N LEU C 288 40.33 -25.18 -12.14
CA LEU C 288 39.36 -26.25 -11.91
CA LEU C 288 39.37 -26.26 -11.89
C LEU C 288 38.29 -25.87 -10.89
N ALA C 289 38.62 -24.96 -9.97
CA ALA C 289 37.68 -24.50 -8.96
C ALA C 289 36.44 -23.85 -9.58
N ALA C 290 36.62 -23.26 -10.76
CA ALA C 290 35.50 -22.61 -11.45
C ALA C 290 34.37 -23.59 -11.78
N PHE C 291 34.70 -24.87 -11.93
CA PHE C 291 33.68 -25.87 -12.22
C PHE C 291 32.64 -26.06 -11.13
N PHE C 292 32.98 -25.75 -9.88
CA PHE C 292 31.97 -25.80 -8.82
C PHE C 292 30.86 -24.77 -9.00
N SER C 293 31.12 -23.69 -9.75
CA SER C 293 30.03 -22.74 -10.06
C SER C 293 28.96 -23.29 -11.05
N TYR C 294 29.21 -24.47 -11.63
CA TYR C 294 28.22 -25.18 -12.43
C TYR C 294 26.95 -25.38 -11.60
N PHE C 295 27.12 -25.56 -10.30
CA PHE C 295 26.00 -25.84 -9.40
C PHE C 295 25.27 -24.59 -8.92
N ASP C 296 25.82 -23.40 -9.22
CA ASP C 296 25.12 -22.14 -8.93
C ASP C 296 24.00 -21.77 -9.89
N THR C 297 23.96 -22.43 -11.05
CA THR C 297 22.88 -22.27 -12.02
C THR C 297 22.00 -23.54 -12.08
N GLU C 298 20.96 -23.52 -12.92
CA GLU C 298 19.96 -24.61 -13.00
C GLU C 298 19.91 -25.20 -14.41
N ARG C 299 19.19 -26.32 -14.57
CA ARG C 299 18.90 -26.93 -15.88
C ARG C 299 17.69 -27.84 -15.84
N SER D 2 -16.00 24.42 1.80
CA SER D 2 -14.95 25.31 2.34
C SER D 2 -13.63 25.12 1.59
N LEU D 3 -12.97 26.22 1.26
CA LEU D 3 -11.65 26.16 0.64
C LEU D 3 -10.53 26.57 1.61
N ILE D 4 -10.86 26.81 2.87
CA ILE D 4 -9.88 27.24 3.88
C ILE D 4 -8.73 26.26 3.89
N ASN D 5 -7.52 26.77 3.69
CA ASN D 5 -6.39 25.84 3.53
C ASN D 5 -5.61 25.63 4.83
N ALA D 6 -4.60 24.75 4.80
CA ALA D 6 -3.82 24.34 5.97
C ALA D 6 -3.07 25.50 6.63
N ARG D 7 -2.46 26.34 5.79
CA ARG D 7 -1.78 27.54 6.30
C ARG D 7 -2.72 28.46 7.08
N LEU D 8 -3.91 28.71 6.52
CA LEU D 8 -4.83 29.66 7.13
C LEU D 8 -5.34 29.13 8.46
N ILE D 9 -5.70 27.85 8.48
CA ILE D 9 -6.22 27.29 9.73
C ILE D 9 -5.16 27.29 10.84
N ALA D 10 -3.90 27.01 10.49
CA ALA D 10 -2.82 26.98 11.46
C ALA D 10 -2.58 28.39 12.00
N PHE D 11 -2.65 29.38 11.10
CA PHE D 11 -2.46 30.78 11.49
C PHE D 11 -3.57 31.19 12.45
N GLU D 12 -4.79 30.85 12.10
CA GLU D 12 -5.96 31.13 12.92
C GLU D 12 -5.89 30.44 14.27
N ASP D 13 -5.47 29.17 14.28
CA ASP D 13 -5.33 28.39 15.53
C ASP D 13 -4.33 29.00 16.48
N GLN D 14 -3.21 29.48 15.94
CA GLN D 14 -2.21 30.14 16.76
C GLN D 14 -2.66 31.52 17.25
N TRP D 15 -3.21 32.32 16.34
CA TRP D 15 -3.45 33.72 16.66
C TRP D 15 -4.73 34.13 17.35
N VAL D 16 -5.84 33.47 17.04
CA VAL D 16 -7.12 33.89 17.61
C VAL D 16 -7.11 33.78 19.16
N PRO D 17 -6.70 32.61 19.71
CA PRO D 17 -6.66 32.57 21.20
C PRO D 17 -5.71 33.59 21.82
N ALA D 18 -4.57 33.85 21.17
CA ALA D 18 -3.59 34.82 21.66
C ALA D 18 -4.09 36.28 21.63
N LEU D 19 -4.70 36.67 20.52
CA LEU D 19 -5.39 37.97 20.41
C LEU D 19 -6.56 38.12 21.39
N ASN D 20 -7.33 37.03 21.62
CA ASN D 20 -8.49 37.11 22.51
C ASN D 20 -8.17 37.15 23.99
N ALA D 21 -7.07 36.48 24.39
CA ALA D 21 -6.81 36.24 25.82
C ALA D 21 -6.80 37.51 26.70
N PRO D 22 -6.13 38.61 26.26
CA PRO D 22 -6.11 39.77 27.16
C PRO D 22 -7.32 40.70 27.13
N LEU D 23 -8.30 40.44 26.24
CA LEU D 23 -9.37 41.42 25.92
C LEU D 23 -10.21 41.83 27.10
N LYS D 24 -10.77 40.86 27.82
CA LYS D 24 -11.68 41.18 28.90
C LYS D 24 -11.01 42.04 29.99
N GLN D 25 -9.82 41.67 30.37
CA GLN D 25 -9.13 42.35 31.41
C GLN D 25 -8.73 43.74 30.97
N ALA D 26 -8.31 43.86 29.73
CA ALA D 26 -7.87 45.16 29.20
C ALA D 26 -9.02 46.19 29.15
N ILE D 27 -10.18 45.74 28.68
CA ILE D 27 -11.36 46.62 28.57
C ILE D 27 -11.78 47.02 29.97
N LEU D 28 -11.79 46.06 30.89
CA LEU D 28 -12.11 46.37 32.29
C LEU D 28 -11.12 47.34 32.92
N ALA D 29 -9.83 47.14 32.71
CA ALA D 29 -8.80 48.04 33.24
C ALA D 29 -8.94 49.48 32.72
N ASP D 30 -9.44 49.62 31.51
CA ASP D 30 -9.52 50.93 30.85
C ASP D 30 -10.91 51.55 30.99
N SER D 31 -11.75 50.97 31.84
CA SER D 31 -13.11 51.48 32.07
C SER D 31 -13.30 51.94 33.50
N GLN D 32 -14.23 52.87 33.70
CA GLN D 32 -14.52 53.36 35.06
C GLN D 32 -16.01 53.24 35.36
N ASP D 33 -16.70 52.41 34.59
CA ASP D 33 -18.11 52.11 34.91
C ASP D 33 -18.42 50.65 34.61
N ALA D 34 -18.92 49.95 35.63
CA ALA D 34 -19.16 48.50 35.50
C ALA D 34 -20.10 48.11 34.37
N GLN D 35 -21.27 48.76 34.28
CA GLN D 35 -22.24 48.45 33.23
C GLN D 35 -21.72 48.75 31.81
N LEU D 36 -21.05 49.88 31.66
CA LEU D 36 -20.46 50.23 30.38
C LEU D 36 -19.45 49.17 29.96
N ALA D 37 -18.57 48.81 30.89
CA ALA D 37 -17.56 47.80 30.66
C ALA D 37 -18.20 46.46 30.30
N ALA D 38 -19.28 46.09 30.99
CA ALA D 38 -20.05 44.88 30.65
C ALA D 38 -20.62 44.94 29.22
N ALA D 39 -21.16 46.09 28.83
CA ALA D 39 -21.74 46.26 27.48
C ALA D 39 -20.70 46.18 26.37
N MET D 40 -19.54 46.81 26.58
CA MET D 40 -18.49 46.80 25.56
C MET D 40 -17.97 45.39 25.41
N THR D 41 -17.74 44.73 26.55
CA THR D 41 -17.16 43.39 26.58
C THR D 41 -18.12 42.36 25.99
N TYR D 42 -19.42 42.54 26.26
CA TYR D 42 -20.44 41.66 25.68
C TYR D 42 -20.31 41.54 24.16
N SER D 43 -20.16 42.68 23.49
CA SER D 43 -20.13 42.72 22.05
C SER D 43 -18.77 42.35 21.49
N VAL D 44 -17.71 42.69 22.23
CA VAL D 44 -16.34 42.37 21.78
C VAL D 44 -16.14 40.85 21.81
N LEU D 45 -16.62 40.21 22.88
CA LEU D 45 -16.44 38.79 23.07
C LEU D 45 -17.59 37.93 22.53
N ALA D 46 -18.27 38.40 21.49
CA ALA D 46 -19.43 37.68 20.96
C ALA D 46 -19.05 36.73 19.81
N GLY D 47 -17.84 36.18 19.88
CA GLY D 47 -17.35 35.18 18.93
C GLY D 47 -16.90 35.66 17.55
N GLY D 48 -16.56 36.95 17.42
CA GLY D 48 -15.98 37.46 16.19
C GLY D 48 -14.77 36.66 15.72
N LYS D 49 -14.60 36.54 14.40
CA LYS D 49 -13.51 35.74 13.85
C LYS D 49 -12.15 36.48 13.77
N ARG D 50 -12.17 37.77 14.11
CA ARG D 50 -10.96 38.62 14.25
C ARG D 50 -10.18 38.79 12.94
N LEU D 51 -10.90 38.79 11.83
CA LEU D 51 -10.27 38.88 10.52
C LEU D 51 -9.33 40.09 10.39
N ARG D 52 -9.78 41.23 10.88
CA ARG D 52 -8.98 42.46 10.69
C ARG D 52 -7.65 42.49 11.46
N PRO D 53 -7.67 42.23 12.77
CA PRO D 53 -6.35 42.16 13.45
C PRO D 53 -5.47 40.97 13.01
N LEU D 54 -6.09 39.84 12.61
CA LEU D 54 -5.32 38.75 12.03
C LEU D 54 -4.55 39.16 10.78
N LEU D 55 -5.22 39.95 9.95
CA LEU D 55 -4.57 40.51 8.76
C LEU D 55 -3.37 41.39 9.08
N THR D 56 -3.50 42.22 10.11
CA THR D 56 -2.38 43.10 10.56
C THR D 56 -1.21 42.24 11.01
N VAL D 57 -1.47 41.22 11.83
CA VAL D 57 -0.43 40.28 12.29
C VAL D 57 0.25 39.52 11.13
N ALA D 58 -0.56 39.04 10.18
CA ALA D 58 -0.04 38.32 9.02
C ALA D 58 0.83 39.26 8.21
N THR D 59 0.36 40.49 8.09
CA THR D 59 1.16 41.51 7.36
C THR D 59 2.52 41.72 8.05
N MET D 60 2.50 41.99 9.36
CA MET D 60 3.75 42.14 10.15
C MET D 60 4.72 40.97 9.97
N GLN D 61 4.22 39.74 10.12
CA GLN D 61 5.02 38.50 9.96
CA GLN D 61 5.06 38.55 9.98
C GLN D 61 5.65 38.43 8.58
N SER D 62 4.90 38.91 7.58
CA SER D 62 5.31 38.82 6.20
C SER D 62 6.41 39.83 5.92
N LEU D 63 6.63 40.73 6.87
CA LEU D 63 7.70 41.73 6.76
C LEU D 63 8.90 41.34 7.61
N GLY D 64 8.82 40.18 8.26
CA GLY D 64 9.89 39.67 9.11
C GLY D 64 9.91 40.29 10.48
N VAL D 65 8.82 40.92 10.88
CA VAL D 65 8.75 41.57 12.17
C VAL D 65 7.90 40.75 13.13
N THR D 66 8.47 40.41 14.28
CA THR D 66 7.75 39.64 15.30
C THR D 66 6.74 40.42 16.12
N PHE D 67 5.54 39.86 16.30
CA PHE D 67 4.56 40.43 17.22
C PHE D 67 5.02 40.32 18.70
N VAL D 68 5.05 41.44 19.40
CA VAL D 68 5.41 41.51 20.83
C VAL D 68 4.17 42.02 21.55
N PRO D 69 3.52 41.18 22.39
CA PRO D 69 2.23 41.60 22.96
C PRO D 69 2.27 42.96 23.65
N GLU D 70 3.28 43.20 24.49
CA GLU D 70 3.33 44.43 25.27
C GLU D 70 3.51 45.69 24.40
N ARG D 71 4.01 45.51 23.19
CA ARG D 71 4.18 46.61 22.23
C ARG D 71 3.05 46.70 21.20
N HIS D 72 2.53 45.55 20.78
CA HIS D 72 1.69 45.53 19.60
C HIS D 72 0.26 45.15 19.85
N TRP D 73 0.00 44.49 20.97
CA TRP D 73 -1.35 43.96 21.19
C TRP D 73 -2.42 45.04 21.20
N ARG D 74 -2.26 46.04 22.05
CA ARG D 74 -3.22 47.15 22.08
C ARG D 74 -3.38 47.85 20.72
N PRO D 75 -2.26 48.21 20.06
CA PRO D 75 -2.45 48.86 18.77
C PRO D 75 -3.12 47.99 17.70
N VAL D 76 -2.81 46.70 17.67
CA VAL D 76 -3.37 45.75 16.69
C VAL D 76 -4.86 45.52 17.02
N MET D 77 -5.13 45.39 18.30
CA MET D 77 -6.54 45.15 18.70
C MET D 77 -7.43 46.39 18.73
N ALA D 78 -6.84 47.59 18.65
CA ALA D 78 -7.65 48.81 18.43
C ALA D 78 -8.61 48.68 17.25
N LEU D 79 -8.13 48.04 16.19
CA LEU D 79 -8.91 47.88 14.98
C LEU D 79 -10.12 46.98 15.28
N GLU D 80 -9.91 46.00 16.13
CA GLU D 80 -11.03 45.09 16.48
C GLU D 80 -12.06 45.79 17.38
N LEU D 81 -11.61 46.62 18.32
CA LEU D 81 -12.53 47.48 19.07
C LEU D 81 -13.39 48.34 18.15
N LEU D 82 -12.75 48.95 17.16
CA LEU D 82 -13.46 49.83 16.26
C LEU D 82 -14.46 49.07 15.38
N HIS D 83 -14.03 47.92 14.85
CA HIS D 83 -14.93 47.06 14.09
C HIS D 83 -16.14 46.71 14.96
N THR D 84 -15.90 46.38 16.23
CA THR D 84 -17.01 46.04 17.15
C THR D 84 -18.01 47.20 17.35
N TYR D 85 -17.49 48.40 17.58
CA TYR D 85 -18.34 49.59 17.68
C TYR D 85 -19.23 49.73 16.46
N SER D 86 -18.67 49.50 15.28
CA SER D 86 -19.47 49.64 14.06
C SER D 86 -20.63 48.64 14.00
N LEU D 87 -20.44 47.42 14.49
CA LEU D 87 -21.53 46.44 14.56
C LEU D 87 -22.59 46.85 15.56
N ILE D 88 -22.15 47.29 16.75
CA ILE D 88 -23.08 47.81 17.77
C ILE D 88 -24.01 48.89 17.22
N HIS D 89 -23.42 49.90 16.59
CA HIS D 89 -24.18 51.01 16.04
C HIS D 89 -25.01 50.62 14.83
N ASP D 90 -24.48 49.74 13.99
CA ASP D 90 -25.26 49.17 12.86
C ASP D 90 -26.56 48.53 13.31
N ASP D 91 -26.50 47.83 14.43
CA ASP D 91 -27.65 47.10 14.97
C ASP D 91 -28.74 47.97 15.65
N LEU D 92 -28.41 49.22 16.01
CA LEU D 92 -29.32 50.09 16.79
C LEU D 92 -30.68 50.27 16.12
N PRO D 93 -31.75 50.47 16.95
CA PRO D 93 -33.10 50.80 16.43
C PRO D 93 -33.08 51.99 15.45
N ALA D 94 -32.20 52.96 15.65
CA ALA D 94 -32.08 54.12 14.73
C ALA D 94 -31.43 53.76 13.39
N MET D 95 -30.77 52.60 13.34
CA MET D 95 -30.08 52.17 12.13
C MET D 95 -30.77 50.93 11.54
N ASP D 96 -30.17 49.75 11.65
CA ASP D 96 -30.73 48.56 11.01
C ASP D 96 -31.75 47.83 11.86
N ASN D 97 -31.84 48.21 13.13
CA ASN D 97 -32.82 47.66 14.10
C ASN D 97 -32.82 46.13 14.14
N ASP D 98 -31.68 45.56 14.52
CA ASP D 98 -31.51 44.11 14.56
C ASP D 98 -31.63 43.58 15.97
N ALA D 99 -32.39 42.48 16.13
CA ALA D 99 -32.54 41.90 17.46
C ALA D 99 -31.52 40.81 17.70
N LEU D 100 -31.00 40.24 16.62
CA LEU D 100 -30.03 39.16 16.72
C LEU D 100 -28.82 39.42 15.83
N ARG D 101 -27.67 38.98 16.30
CA ARG D 101 -26.50 38.88 15.47
C ARG D 101 -25.85 37.53 15.78
N ARG D 102 -25.67 36.71 14.74
CA ARG D 102 -25.23 35.30 14.89
C ARG D 102 -26.06 34.52 15.92
N GLY D 103 -27.38 34.67 15.86
CA GLY D 103 -28.30 33.95 16.73
C GLY D 103 -28.28 34.27 18.22
N GLU D 104 -27.63 35.38 18.60
CA GLU D 104 -27.59 35.85 20.01
C GLU D 104 -28.07 37.31 20.09
N PRO D 105 -28.64 37.72 21.24
CA PRO D 105 -29.18 39.08 21.34
C PRO D 105 -28.13 40.18 21.03
N THR D 106 -28.55 41.17 20.26
CA THR D 106 -27.68 42.33 19.99
C THR D 106 -27.52 43.19 21.22
N ASN D 107 -26.51 44.07 21.20
CA ASN D 107 -26.18 44.85 22.38
C ASN D 107 -27.37 45.63 22.96
N HIS D 108 -28.11 46.35 22.12
CA HIS D 108 -29.22 47.19 22.58
C HIS D 108 -30.38 46.37 23.17
N VAL D 109 -30.55 45.15 22.68
CA VAL D 109 -31.55 44.25 23.26
C VAL D 109 -31.20 43.91 24.70
N LYS D 110 -29.92 43.61 24.96
CA LYS D 110 -29.47 43.24 26.29
C LYS D 110 -29.33 44.46 27.24
N PHE D 111 -28.84 45.59 26.71
CA PHE D 111 -28.46 46.72 27.56
C PHE D 111 -29.32 47.97 27.38
N GLY D 112 -30.16 47.99 26.35
CA GLY D 112 -30.95 49.18 26.04
C GLY D 112 -30.20 49.95 24.97
N ALA D 113 -30.95 50.69 24.15
CA ALA D 113 -30.40 51.50 23.07
C ALA D 113 -29.44 52.62 23.53
N GLY D 114 -29.71 53.20 24.70
CA GLY D 114 -28.82 54.22 25.27
C GLY D 114 -27.45 53.69 25.61
N MET D 115 -27.42 52.63 26.41
CA MET D 115 -26.16 52.01 26.79
C MET D 115 -25.41 51.45 25.58
N ALA D 116 -26.16 50.88 24.61
CA ALA D 116 -25.53 50.36 23.37
C ALA D 116 -24.88 51.50 22.61
N THR D 117 -25.57 52.62 22.50
CA THR D 117 -24.97 53.77 21.80
C THR D 117 -23.65 54.17 22.48
N LEU D 118 -23.71 54.34 23.81
CA LEU D 118 -22.50 54.60 24.60
C LEU D 118 -21.39 53.55 24.50
N ALA D 119 -21.76 52.27 24.56
CA ALA D 119 -20.78 51.18 24.36
C ALA D 119 -20.00 51.35 23.04
N GLY D 120 -20.70 51.70 21.96
CA GLY D 120 -20.06 51.93 20.64
C GLY D 120 -19.14 53.15 20.75
N ASP D 121 -19.64 54.23 21.36
CA ASP D 121 -18.82 55.47 21.53
C ASP D 121 -17.55 55.18 22.35
N GLY D 122 -17.72 54.42 23.44
CA GLY D 122 -16.60 54.01 24.28
C GLY D 122 -15.55 53.20 23.55
N LEU D 123 -16.00 52.25 22.73
CA LEU D 123 -15.08 51.40 21.98
C LEU D 123 -14.32 52.19 20.89
N LEU D 124 -15.04 53.05 20.20
CA LEU D 124 -14.41 53.90 19.17
C LEU D 124 -13.32 54.77 19.82
N THR D 125 -13.65 55.37 20.96
CA THR D 125 -12.65 56.21 21.64
C THR D 125 -11.50 55.40 22.19
N LEU D 126 -11.79 54.23 22.77
CA LEU D 126 -10.75 53.41 23.34
C LEU D 126 -9.76 52.90 22.29
N ALA D 127 -10.26 52.72 21.07
CA ALA D 127 -9.39 52.31 19.96
C ALA D 127 -8.23 53.31 19.80
N PHE D 128 -8.53 54.61 19.87
CA PHE D 128 -7.46 55.61 19.78
C PHE D 128 -6.54 55.67 21.01
N GLN D 129 -7.10 55.40 22.19
CA GLN D 129 -6.24 55.22 23.37
C GLN D 129 -5.26 54.02 23.19
N TRP D 130 -5.77 52.90 22.69
CA TRP D 130 -4.93 51.71 22.50
C TRP D 130 -3.82 51.92 21.46
N LEU D 131 -4.12 52.70 20.41
CA LEU D 131 -3.11 52.95 19.38
C LEU D 131 -1.89 53.66 19.97
N THR D 132 -2.14 54.45 21.01
CA THR D 132 -1.08 55.31 21.57
C THR D 132 -0.66 54.91 22.99
N ALA D 133 -0.99 53.68 23.38
CA ALA D 133 -0.83 53.22 24.77
C ALA D 133 0.49 52.49 25.08
N THR D 134 1.28 52.17 24.06
CA THR D 134 2.43 51.29 24.26
C THR D 134 3.68 52.04 23.85
N ASP D 135 4.84 51.42 24.01
CA ASP D 135 6.09 52.20 23.82
C ASP D 135 6.59 52.09 22.36
N LEU D 136 5.74 52.49 21.42
CA LEU D 136 6.13 52.54 20.02
C LEU D 136 6.67 53.96 19.75
N PRO D 137 7.53 54.11 18.72
CA PRO D 137 7.95 55.48 18.37
C PRO D 137 6.74 56.38 18.06
N ALA D 138 6.80 57.63 18.50
CA ALA D 138 5.69 58.57 18.31
C ALA D 138 5.33 58.76 16.83
N THR D 139 6.32 58.76 15.93
CA THR D 139 6.01 58.86 14.49
C THR D 139 5.12 57.73 14.03
N MET D 140 5.40 56.52 14.50
CA MET D 140 4.61 55.34 14.19
C MET D 140 3.19 55.43 14.80
N GLN D 141 3.10 55.84 16.07
CA GLN D 141 1.79 56.06 16.74
C GLN D 141 0.96 57.07 15.95
N ALA D 142 1.54 58.22 15.57
CA ALA D 142 0.78 59.25 14.88
C ALA D 142 0.33 58.74 13.51
N ALA D 143 1.20 58.00 12.82
CA ALA D 143 0.86 57.43 11.51
C ALA D 143 -0.34 56.47 11.60
N LEU D 144 -0.38 55.65 12.65
CA LEU D 144 -1.50 54.73 12.85
C LEU D 144 -2.78 55.48 13.10
N VAL D 145 -2.72 56.49 13.96
CA VAL D 145 -3.91 57.28 14.32
C VAL D 145 -4.45 57.97 13.05
N GLN D 146 -3.55 58.59 12.28
CA GLN D 146 -4.01 59.27 11.08
C GLN D 146 -4.66 58.29 10.08
N ALA D 147 -4.06 57.11 9.93
CA ALA D 147 -4.53 56.08 9.01
C ALA D 147 -5.86 55.51 9.48
N LEU D 148 -5.97 55.20 10.77
CA LEU D 148 -7.26 54.62 11.29
C LEU D 148 -8.40 55.65 11.26
N ALA D 149 -8.12 56.89 11.72
CA ALA D 149 -9.14 57.95 11.64
C ALA D 149 -9.61 58.20 10.22
N THR D 150 -8.68 58.22 9.25
CA THR D 150 -9.04 58.40 7.85
CA THR D 150 -9.09 58.41 7.86
C THR D 150 -9.90 57.23 7.32
N ALA D 151 -9.52 56.02 7.69
CA ALA D 151 -10.23 54.81 7.24
C ALA D 151 -11.63 54.72 7.89
N ALA D 152 -11.75 55.15 9.14
CA ALA D 152 -12.99 54.92 9.89
C ALA D 152 -13.99 56.06 9.85
N GLY D 153 -13.55 57.26 9.43
CA GLY D 153 -14.38 58.44 9.63
C GLY D 153 -15.26 58.86 8.46
N PRO D 154 -15.49 60.16 8.34
CA PRO D 154 -16.48 60.67 7.39
C PRO D 154 -16.05 60.66 5.91
N SER D 155 -14.83 60.23 5.60
CA SER D 155 -14.43 59.88 4.23
C SER D 155 -14.31 58.36 4.03
N GLY D 156 -14.44 57.59 5.11
CA GLY D 156 -14.29 56.15 5.08
C GLY D 156 -15.52 55.44 5.63
N MET D 157 -15.33 54.60 6.64
CA MET D 157 -16.44 53.74 7.13
C MET D 157 -17.77 54.50 7.40
N VAL D 158 -17.70 55.65 8.09
CA VAL D 158 -18.93 56.38 8.43
C VAL D 158 -19.64 56.96 7.20
N ALA D 159 -18.85 57.42 6.23
CA ALA D 159 -19.42 57.83 4.93
C ALA D 159 -20.15 56.65 4.30
N GLY D 160 -19.53 55.47 4.40
CA GLY D 160 -20.12 54.23 3.83
C GLY D 160 -21.45 53.93 4.48
N GLN D 161 -21.47 53.99 5.82
CA GLN D 161 -22.72 53.78 6.57
CA GLN D 161 -22.71 53.77 6.58
C GLN D 161 -23.79 54.81 6.23
N ALA D 162 -23.38 56.06 6.06
CA ALA D 162 -24.29 57.14 5.67
C ALA D 162 -24.93 56.85 4.31
N LYS D 163 -24.12 56.41 3.36
CA LYS D 163 -24.59 56.04 2.01
C LYS D 163 -25.54 54.87 2.09
N ASP D 164 -25.25 53.95 3.01
CA ASP D 164 -26.11 52.80 3.26
C ASP D 164 -27.51 53.23 3.75
N ILE D 165 -27.57 54.14 4.72
CA ILE D 165 -28.86 54.70 5.21
C ILE D 165 -29.65 55.31 4.07
N GLN D 166 -28.97 56.14 3.28
CA GLN D 166 -29.60 56.83 2.17
C GLN D 166 -30.00 55.94 0.99
N SER D 167 -29.57 54.67 1.01
CA SER D 167 -29.79 53.73 -0.10
C SER D 167 -30.83 52.66 0.22
N GLU D 168 -31.43 52.74 1.41
CA GLU D 168 -32.42 51.76 1.89
C GLU D 168 -33.54 51.40 0.90
N HIS D 169 -34.04 52.40 0.18
CA HIS D 169 -35.13 52.18 -0.77
C HIS D 169 -34.74 52.60 -2.17
N VAL D 170 -33.43 52.58 -2.45
CA VAL D 170 -32.86 52.99 -3.73
C VAL D 170 -32.14 51.78 -4.31
N ASN D 171 -32.37 51.52 -5.59
CA ASN D 171 -31.63 50.51 -6.29
C ASN D 171 -30.43 51.17 -6.94
N LEU D 172 -29.26 51.01 -6.32
CA LEU D 172 -28.05 51.69 -6.79
C LEU D 172 -27.49 51.07 -8.05
N PRO D 173 -26.93 51.90 -8.94
CA PRO D 173 -26.05 51.35 -9.96
C PRO D 173 -24.80 50.74 -9.32
N LEU D 174 -24.27 49.70 -9.95
CA LEU D 174 -23.04 49.03 -9.49
C LEU D 174 -21.87 50.00 -9.25
N SER D 175 -21.74 51.05 -10.07
CA SER D 175 -20.67 52.05 -9.92
C SER D 175 -20.77 52.73 -8.55
N GLN D 176 -21.99 53.03 -8.14
CA GLN D 176 -22.27 53.62 -6.82
C GLN D 176 -22.17 52.62 -5.67
N LEU D 177 -22.57 51.37 -5.89
CA LEU D 177 -22.41 50.33 -4.87
C LEU D 177 -20.94 50.10 -4.56
N ARG D 178 -20.10 50.15 -5.60
CA ARG D 178 -18.65 50.03 -5.44
C ARG D 178 -18.09 51.09 -4.47
N VAL D 179 -18.47 52.36 -4.67
CA VAL D 179 -18.03 53.44 -3.75
C VAL D 179 -18.52 53.20 -2.33
N LEU D 180 -19.78 52.80 -2.17
CA LEU D 180 -20.34 52.49 -0.84
C LEU D 180 -19.55 51.37 -0.16
N HIS D 181 -19.24 50.31 -0.89
CA HIS D 181 -18.49 49.17 -0.34
C HIS D 181 -17.07 49.59 0.00
N LYS D 182 -16.44 50.34 -0.90
CA LYS D 182 -15.06 50.75 -0.63
C LYS D 182 -14.99 51.55 0.68
N GLU D 183 -16.00 52.36 0.95
CA GLU D 183 -16.06 53.11 2.21
C GLU D 183 -16.46 52.23 3.40
N LYS D 184 -17.59 51.56 3.25
CA LYS D 184 -18.21 50.81 4.35
C LYS D 184 -17.40 49.61 4.87
N THR D 185 -16.83 48.80 3.98
CA THR D 185 -16.04 47.65 4.43
C THR D 185 -14.62 47.67 3.92
N GLY D 186 -14.42 48.29 2.77
CA GLY D 186 -13.08 48.30 2.15
C GLY D 186 -12.04 49.03 3.00
N ALA D 187 -12.45 50.16 3.55
CA ALA D 187 -11.49 51.07 4.22
C ALA D 187 -10.80 50.45 5.42
N LEU D 188 -11.57 49.75 6.26
CA LEU D 188 -10.97 49.08 7.41
C LEU D 188 -10.07 47.90 7.05
N LEU D 189 -10.39 47.19 5.98
CA LEU D 189 -9.55 46.09 5.56
C LEU D 189 -8.25 46.59 4.87
N HIS D 190 -8.36 47.70 4.18
CA HIS D 190 -7.18 48.42 3.68
C HIS D 190 -6.28 48.84 4.83
N TYR D 191 -6.88 49.50 5.84
CA TYR D 191 -6.18 49.90 7.05
C TYR D 191 -5.54 48.68 7.72
N ALA D 192 -6.25 47.54 7.79
CA ALA D 192 -5.67 46.38 8.47
C ALA D 192 -4.26 46.04 7.98
N VAL D 193 -4.08 46.05 6.66
CA VAL D 193 -2.79 45.75 6.09
C VAL D 193 -1.87 46.96 6.24
N GLN D 194 -2.39 48.15 6.00
CA GLN D 194 -1.60 49.38 6.18
C GLN D 194 -0.95 49.51 7.57
N ALA D 195 -1.70 49.18 8.61
CA ALA D 195 -1.18 49.15 9.97
C ALA D 195 -0.01 48.18 10.11
N GLY D 196 -0.06 47.02 9.43
CA GLY D 196 1.03 46.07 9.42
C GLY D 196 2.25 46.68 8.73
N LEU D 197 2.03 47.45 7.68
CA LEU D 197 3.15 48.11 6.96
C LEU D 197 3.82 49.18 7.86
N ILE D 198 3.00 49.89 8.62
CA ILE D 198 3.48 50.88 9.59
C ILE D 198 4.23 50.21 10.72
N LEU D 199 3.62 49.18 11.33
CA LEU D 199 4.26 48.53 12.46
C LEU D 199 5.50 47.75 12.06
N GLY D 200 5.50 47.23 10.84
CA GLY D 200 6.60 46.43 10.31
C GLY D 200 7.62 47.26 9.56
N GLN D 201 7.37 48.57 9.46
CA GLN D 201 8.28 49.50 8.74
C GLN D 201 8.62 49.00 7.35
N ALA D 202 7.58 48.66 6.58
CA ALA D 202 7.76 48.12 5.23
C ALA D 202 8.49 49.16 4.36
N PRO D 203 9.46 48.70 3.56
CA PRO D 203 10.13 49.60 2.60
C PRO D 203 9.07 50.20 1.68
N GLU D 204 9.23 51.48 1.34
CA GLU D 204 8.26 52.20 0.50
C GLU D 204 7.95 51.45 -0.80
N ALA D 205 8.97 50.84 -1.42
CA ALA D 205 8.82 50.13 -2.69
C ALA D 205 7.84 48.96 -2.60
N GLN D 206 7.60 48.48 -1.38
CA GLN D 206 6.65 47.36 -1.21
C GLN D 206 5.20 47.80 -0.95
N TRP D 207 5.00 49.07 -0.64
CA TRP D 207 3.61 49.53 -0.30
C TRP D 207 2.56 49.30 -1.39
N PRO D 208 2.90 49.60 -2.68
CA PRO D 208 1.88 49.39 -3.73
C PRO D 208 1.35 47.96 -3.81
N ALA D 209 2.25 46.97 -3.75
CA ALA D 209 1.81 45.56 -3.85
C ALA D 209 0.97 45.17 -2.65
N TYR D 210 1.41 45.55 -1.46
CA TYR D 210 0.62 45.20 -0.26
C TYR D 210 -0.73 45.87 -0.24
N LEU D 211 -0.82 47.13 -0.69
CA LEU D 211 -2.10 47.83 -0.64
C LEU D 211 -3.03 47.43 -1.80
N GLN D 212 -2.47 47.01 -2.94
CA GLN D 212 -3.31 46.44 -3.99
C GLN D 212 -3.87 45.11 -3.50
N PHE D 213 -3.02 44.33 -2.82
CA PHE D 213 -3.51 43.11 -2.16
C PHE D 213 -4.66 43.45 -1.17
N ALA D 214 -4.45 44.47 -0.34
CA ALA D 214 -5.44 44.83 0.68
C ALA D 214 -6.77 45.25 0.07
N ASP D 215 -6.70 46.04 -1.00
CA ASP D 215 -7.92 46.52 -1.67
C ASP D 215 -8.67 45.37 -2.30
N ALA D 216 -7.94 44.43 -2.91
CA ALA D 216 -8.58 43.25 -3.53
C ALA D 216 -9.20 42.39 -2.44
N PHE D 217 -8.48 42.25 -1.35
CA PHE D 217 -8.99 41.47 -0.21
C PHE D 217 -10.28 42.04 0.35
N GLY D 218 -10.31 43.36 0.58
CA GLY D 218 -11.51 44.03 1.06
C GLY D 218 -12.69 43.91 0.12
N LEU D 219 -12.42 44.01 -1.18
CA LEU D 219 -13.47 43.81 -2.18
C LEU D 219 -13.99 42.37 -2.18
N ALA D 220 -13.06 41.41 -2.18
CA ALA D 220 -13.46 39.99 -2.20
C ALA D 220 -14.32 39.66 -0.96
N PHE D 221 -13.89 40.19 0.19
CA PHE D 221 -14.63 40.06 1.43
C PHE D 221 -16.12 40.46 1.25
N GLN D 222 -16.36 41.63 0.67
CA GLN D 222 -17.69 42.15 0.47
C GLN D 222 -18.48 41.35 -0.57
N ILE D 223 -17.85 40.99 -1.68
CA ILE D 223 -18.54 40.23 -2.71
C ILE D 223 -18.94 38.86 -2.08
N TYR D 224 -18.03 38.27 -1.31
CA TYR D 224 -18.36 36.95 -0.70
C TYR D 224 -19.49 37.08 0.32
N ASP D 225 -19.45 38.13 1.14
CA ASP D 225 -20.58 38.43 2.07
C ASP D 225 -21.90 38.59 1.34
N ASP D 226 -21.86 39.28 0.20
CA ASP D 226 -23.07 39.48 -0.62
C ASP D 226 -23.59 38.13 -1.12
N ILE D 227 -22.67 37.29 -1.57
CA ILE D 227 -23.05 35.95 -2.06
C ILE D 227 -23.69 35.14 -0.92
N LEU D 228 -23.03 35.12 0.25
CA LEU D 228 -23.59 34.44 1.44
C LEU D 228 -24.97 34.92 1.83
N ASP D 229 -25.19 36.24 1.74
CA ASP D 229 -26.50 36.85 1.95
C ASP D 229 -27.60 36.24 1.06
N VAL D 230 -27.26 35.83 -0.15
CA VAL D 230 -28.23 35.29 -1.09
C VAL D 230 -28.31 33.76 -1.11
N VAL D 231 -27.19 33.06 -0.91
CA VAL D 231 -27.19 31.58 -1.03
C VAL D 231 -27.45 30.83 0.27
N SER D 232 -27.43 31.54 1.39
CA SER D 232 -27.54 30.85 2.69
C SER D 232 -28.69 31.42 3.49
N SER D 233 -29.24 30.60 4.37
CA SER D 233 -30.33 31.00 5.25
C SER D 233 -29.77 31.08 6.66
N PRO D 234 -30.23 32.08 7.44
CA PRO D 234 -29.75 32.28 8.82
C PRO D 234 -30.02 31.07 9.73
N ALA D 235 -29.20 30.92 10.77
CA ALA D 235 -29.31 29.86 11.79
C ALA D 235 -30.68 29.82 12.47
N GLU D 247 -34.61 44.09 -1.23
CA GLU D 247 -33.92 43.52 -0.07
C GLU D 247 -32.43 43.25 -0.36
N ALA D 248 -32.16 42.28 -1.21
CA ALA D 248 -30.78 41.95 -1.63
C ALA D 248 -30.42 42.67 -2.93
N LYS D 249 -31.18 43.72 -3.24
CA LYS D 249 -30.98 44.53 -4.44
C LYS D 249 -29.61 45.21 -4.49
N ASN D 250 -29.09 45.65 -3.34
CA ASN D 250 -27.80 46.34 -3.32
C ASN D 250 -26.67 45.40 -2.91
N THR D 251 -26.59 44.30 -3.63
CA THR D 251 -25.58 43.28 -3.44
C THR D 251 -25.08 42.89 -4.83
N TYR D 252 -23.86 42.36 -4.90
CA TYR D 252 -23.35 41.83 -6.16
C TYR D 252 -24.32 40.85 -6.89
N PRO D 253 -24.91 39.87 -6.16
CA PRO D 253 -25.84 39.03 -6.94
C PRO D 253 -27.05 39.80 -7.42
N GLY D 254 -27.51 40.75 -6.62
CA GLY D 254 -28.57 41.66 -7.05
C GLY D 254 -28.30 42.40 -8.35
N LYS D 255 -27.04 42.78 -8.61
CA LYS D 255 -26.70 43.55 -9.81
C LYS D 255 -26.29 42.67 -10.98
N LEU D 256 -25.60 41.57 -10.68
CA LEU D 256 -24.89 40.83 -11.70
C LEU D 256 -25.47 39.44 -11.89
N GLY D 257 -26.32 39.02 -10.98
CA GLY D 257 -26.75 37.63 -10.93
C GLY D 257 -25.73 36.86 -10.11
N LEU D 258 -26.12 35.70 -9.61
CA LEU D 258 -25.25 34.89 -8.77
C LEU D 258 -23.96 34.41 -9.47
N ILE D 259 -24.06 33.98 -10.72
CA ILE D 259 -22.90 33.52 -11.46
C ILE D 259 -21.95 34.66 -11.71
N GLY D 260 -22.49 35.80 -12.12
CA GLY D 260 -21.71 37.03 -12.31
C GLY D 260 -21.03 37.48 -11.02
N ALA D 261 -21.74 37.39 -9.90
CA ALA D 261 -21.17 37.73 -8.58
C ALA D 261 -20.00 36.82 -8.26
N ASN D 262 -20.16 35.51 -8.49
CA ASN D 262 -19.08 34.57 -8.23
C ASN D 262 -17.89 34.83 -9.17
N GLN D 263 -18.17 35.22 -10.42
CA GLN D 263 -17.10 35.51 -11.36
C GLN D 263 -16.32 36.74 -10.87
N ALA D 264 -17.05 37.73 -10.33
CA ALA D 264 -16.40 38.94 -9.78
C ALA D 264 -15.52 38.59 -8.58
N LEU D 265 -16.02 37.72 -7.70
CA LEU D 265 -15.21 37.21 -6.58
C LEU D 265 -13.93 36.51 -7.05
N ILE D 266 -14.07 35.59 -7.99
CA ILE D 266 -12.98 34.75 -8.48
C ILE D 266 -11.91 35.66 -9.11
N ASP D 267 -12.38 36.64 -9.87
CA ASP D 267 -11.46 37.60 -10.52
C ASP D 267 -10.71 38.45 -9.50
N THR D 268 -11.42 38.83 -8.45
CA THR D 268 -10.88 39.72 -7.42
C THR D 268 -9.83 38.97 -6.59
N ILE D 269 -10.13 37.73 -6.21
CA ILE D 269 -9.16 36.87 -5.54
C ILE D 269 -7.88 36.76 -6.37
N HIS D 270 -8.05 36.56 -7.68
CA HIS D 270 -6.89 36.34 -8.52
C HIS D 270 -6.08 37.63 -8.62
N SER D 271 -6.77 38.75 -8.71
CA SER D 271 -6.14 40.09 -8.73
C SER D 271 -5.29 40.32 -7.48
N GLY D 272 -5.82 39.93 -6.32
CA GLY D 272 -5.09 40.06 -5.04
C GLY D 272 -3.86 39.17 -4.95
N GLN D 273 -3.99 37.95 -5.46
CA GLN D 273 -2.89 37.00 -5.44
C GLN D 273 -1.78 37.53 -6.38
N ALA D 274 -2.20 38.05 -7.54
CA ALA D 274 -1.26 38.62 -8.51
C ALA D 274 -0.52 39.83 -7.91
N ALA D 275 -1.20 40.63 -7.10
CA ALA D 275 -0.58 41.80 -6.46
C ALA D 275 0.56 41.32 -5.55
N LEU D 276 0.30 40.26 -4.79
CA LEU D 276 1.28 39.74 -3.85
C LEU D 276 2.43 39.08 -4.56
N GLN D 277 2.18 38.59 -5.78
CA GLN D 277 3.20 37.93 -6.57
C GLN D 277 4.20 38.93 -7.06
N GLY D 278 3.90 40.22 -6.84
CA GLY D 278 4.87 41.30 -7.11
C GLY D 278 5.97 41.42 -6.04
N LEU D 279 5.83 40.70 -4.93
CA LEU D 279 6.82 40.70 -3.85
C LEU D 279 7.57 39.35 -3.88
N PRO D 280 8.80 39.27 -3.30
CA PRO D 280 9.47 37.97 -3.22
C PRO D 280 8.64 36.92 -2.49
N THR D 281 8.66 35.69 -2.99
CA THR D 281 7.97 34.56 -2.38
CA THR D 281 7.90 34.62 -2.33
C THR D 281 8.57 34.25 -1.00
N SER D 282 7.74 33.94 -0.02
CA SER D 282 8.22 33.50 1.29
C SER D 282 7.10 32.71 1.92
N THR D 283 7.41 31.92 2.96
CA THR D 283 6.38 31.18 3.69
CA THR D 283 6.39 31.17 3.68
C THR D 283 5.43 32.14 4.40
N GLN D 284 5.97 33.26 4.89
CA GLN D 284 5.12 34.25 5.55
C GLN D 284 4.16 34.94 4.56
N ARG D 285 4.63 35.19 3.35
CA ARG D 285 3.73 35.75 2.35
C ARG D 285 2.73 34.72 1.83
N ASP D 286 3.10 33.44 1.85
CA ASP D 286 2.17 32.36 1.55
C ASP D 286 1.05 32.32 2.60
N ASP D 287 1.40 32.52 3.87
CA ASP D 287 0.42 32.64 4.95
C ASP D 287 -0.53 33.81 4.70
N LEU D 288 0.00 34.97 4.31
CA LEU D 288 -0.86 36.12 4.00
C LEU D 288 -1.76 35.86 2.80
N ALA D 289 -1.21 35.26 1.73
CA ALA D 289 -1.98 34.89 0.55
C ALA D 289 -3.11 33.89 0.88
N ALA D 290 -2.86 33.04 1.88
CA ALA D 290 -3.85 32.01 2.27
C ALA D 290 -5.13 32.62 2.87
N PHE D 291 -5.10 33.90 3.28
CA PHE D 291 -6.33 34.59 3.68
C PHE D 291 -7.44 34.58 2.63
N PHE D 292 -7.06 34.55 1.35
CA PHE D 292 -8.04 34.43 0.27
C PHE D 292 -8.86 33.12 0.32
N SER D 293 -8.30 32.10 0.96
CA SER D 293 -8.99 30.81 1.06
C SER D 293 -10.20 30.83 2.02
N TYR D 294 -10.40 31.94 2.74
CA TYR D 294 -11.67 32.20 3.46
C TYR D 294 -12.88 32.23 2.53
N PHE D 295 -12.65 32.47 1.24
CA PHE D 295 -13.77 32.75 0.32
C PHE D 295 -14.00 31.53 -0.56
N ASP D 296 -15.10 30.84 -0.29
CA ASP D 296 -15.39 29.59 -1.01
C ASP D 296 -16.05 29.96 -2.35
N THR D 297 -15.31 29.80 -3.44
CA THR D 297 -15.81 30.16 -4.76
C THR D 297 -16.63 29.00 -5.40
N GLU D 298 -16.88 27.95 -4.63
CA GLU D 298 -17.64 26.79 -5.13
C GLU D 298 -19.05 26.65 -4.51
N ARG D 299 -19.49 27.69 -3.79
CA ARG D 299 -20.88 27.69 -3.27
C ARG D 299 -21.88 27.98 -4.39
N VAL D 300 -21.41 28.69 -5.42
CA VAL D 300 -22.20 28.94 -6.58
C VAL D 300 -21.77 27.95 -7.67
#